data_1GKU
#
_entry.id   1GKU
#
_cell.length_a   65.198
_cell.length_b   67.985
_cell.length_c   129.728
_cell.angle_alpha   90.00
_cell.angle_beta   104.01
_cell.angle_gamma   90.00
#
_symmetry.space_group_name_H-M   'P 1 21 1'
#
loop_
_entity.id
_entity.type
_entity.pdbx_description
1 polymer 'REVERSE GYRASE'
2 water water
#
_entity_poly.entity_id   1
_entity_poly.type   'polypeptide(L)'
_entity_poly.pdbx_seq_one_letter_code
;AAAAAAAAAAAAAAAAAAAAAAAAAAAAAAAASLCLFPEDFLLKEFVEFFRKCVGEPRAIQKMWAKRILRKESFAATAPT
GVGKTSFGLAMSLFLALKGKRCYVIFPTSLLVIQAAETIRKYAEKAGVGTENLIGYYHGRIPKREKENFMQNLRNFKIVI
TTTQFLSKHYRELGHFDFIFVDDVDAILKASKNVDKLLHLLGFHYDLKTKSWVGEARGCLMVSTATAKKGKKAELFRQLL
NFDIGSSRITVRNVEDVAVNDESISTLSSILEKLGTGGIIYARTGEEAEEIYESLKNKFRIGIVTATKKGDYEKFVEGEI
DHLIGTAHYYGTLVRGLDLPERIRFAVFVGCPSFRVTIEDIDSLSPQMVKLLAYLYRNVDEIERLLPAVERHIDEVREIL
KKVMGKERPQAKDVVVREGEVIFPDLRTYIQGSGRTSRLFAGGLTKGASFLLEDDSELLSAFIERAKLYDIEFKSIDEVD
FEKLSRELDESRDRYRRRQEFDLIKPALFIVESPTKARQISRFFGKPSVKVLDGAVVYEIPMQKYVLMVTASIGHVVDLI
TNRGFHGVLVNGRFVPVYASIKRCRDCGYQFTEDRESCPKCGSENVDNSRSRIEALRKLAHDAEFVIVGTDPDTEGEKIA
WDLKNLLSGCGAVKRAEFHEVTRRAILEALESLRDVDENLVKAQVVRRIEDRWIGFVLSQKLWERFNNRNLSAGRAQTLV
LGWIIDRFQESRERRKIAIVRDFDLVLEHDEEEFDLTIKLVEEREELRTPLPPYTTETMLSDANRILKFSVKQTMQIAQE
LFENGLITYHRTDSTRVSDVGQRIAKEYLGDDFVGREWGESGAHECIRPTRPLTRDDVQRLIQEGVLVVEGLRWEHFALY
DLIFRRFMASQCRPFKVVVKKYSIEFDGKTAEEERIVRAEGRAYELYRAVWVKNELPTGTFRVKAEVKSVPKVLPFTQSE
IIQMMKERGIGRPSTYATIVDRLFMRNYVVEKYGRMIPTKLGIDVFRFLVRRYAKFVSEDRTRDLESRMDAIERGELDYL
KALEDMYAEIKSID
;
_entity_poly.pdbx_strand_id   B
#
# COMPACT_ATOMS: atom_id res chain seq x y z
N ALA A 14 7.67 -17.21 31.59
CA ALA A 14 7.58 -17.59 30.15
C ALA A 14 6.17 -18.02 29.88
N ALA A 15 5.50 -18.51 30.92
CA ALA A 15 4.13 -18.97 30.82
C ALA A 15 3.27 -18.32 31.91
N ALA A 16 2.73 -17.14 31.62
CA ALA A 16 1.90 -16.42 32.57
C ALA A 16 0.60 -15.97 31.90
N ALA A 17 0.13 -14.76 32.23
CA ALA A 17 -1.09 -14.22 31.64
C ALA A 17 -0.83 -12.85 31.04
N ALA A 18 -1.60 -12.52 30.01
CA ALA A 18 -1.47 -11.22 29.35
C ALA A 18 -1.81 -10.14 30.37
N ALA A 19 -0.76 -9.58 30.96
CA ALA A 19 -0.89 -8.52 31.96
C ALA A 19 0.50 -8.09 32.41
N ALA A 20 6.84 -21.40 26.77
CA ALA A 20 5.83 -22.17 26.05
C ALA A 20 4.45 -22.14 26.73
N ALA A 21 3.47 -21.61 26.00
CA ALA A 21 2.08 -21.48 26.46
C ALA A 21 1.81 -20.19 27.21
N ALA A 22 1.14 -19.25 26.53
CA ALA A 22 0.79 -17.95 27.09
C ALA A 22 -0.73 -17.86 27.27
N ALA A 23 -1.17 -17.87 28.52
CA ALA A 23 -2.60 -17.80 28.85
C ALA A 23 -3.14 -16.37 28.97
N ALA A 24 -4.43 -16.21 28.68
CA ALA A 24 -5.07 -14.92 28.77
C ALA A 24 -4.75 -14.24 30.11
N ALA A 25 8.21 -17.79 26.88
CA ALA A 25 7.31 -16.88 26.20
C ALA A 25 6.10 -17.60 25.62
N ALA A 26 6.13 -17.91 24.32
CA ALA A 26 5.01 -18.58 23.66
C ALA A 26 5.29 -20.00 23.12
N ALA A 27 4.22 -20.65 22.68
CA ALA A 27 4.26 -22.00 22.13
C ALA A 27 2.81 -22.34 21.81
N ALA A 28 1.94 -22.02 22.76
CA ALA A 28 0.51 -22.23 22.63
C ALA A 28 -0.18 -21.03 23.28
N ALA A 29 -1.14 -20.43 22.60
CA ALA A 29 -1.87 -19.30 23.18
C ALA A 29 -3.33 -19.70 23.43
N ALA A 30 -3.83 -19.42 24.62
CA ALA A 30 -5.20 -19.78 24.94
C ALA A 30 -5.94 -18.62 25.61
N ALA A 31 -6.97 -18.11 24.94
CA ALA A 31 -7.74 -16.99 25.46
C ALA A 31 -9.23 -17.30 25.68
N ALA A 32 -9.79 -16.74 26.77
CA ALA A 32 -11.20 -16.93 27.07
C ALA A 32 -11.94 -15.59 26.94
N SER A 33 7.54 -8.53 33.91
CA SER A 33 6.97 -8.15 32.63
C SER A 33 7.19 -9.23 31.57
N LEU A 34 6.24 -9.36 30.66
CA LEU A 34 6.37 -10.35 29.58
C LEU A 34 7.25 -9.81 28.47
N CYS A 35 7.37 -8.50 28.37
CA CYS A 35 8.21 -7.93 27.32
C CYS A 35 9.41 -7.21 27.93
N LEU A 36 10.25 -7.96 28.61
CA LEU A 36 11.42 -7.40 29.26
C LEU A 36 12.62 -8.24 28.86
N PHE A 37 13.53 -7.65 28.11
CA PHE A 37 14.73 -8.34 27.64
C PHE A 37 15.83 -8.39 28.69
N PRO A 38 16.80 -9.28 28.49
CA PRO A 38 17.95 -9.48 29.39
C PRO A 38 18.69 -8.18 29.77
N GLU A 39 18.91 -7.33 28.77
CA GLU A 39 19.63 -6.08 28.96
C GLU A 39 18.83 -4.81 29.29
N ASP A 40 17.51 -4.92 29.43
CA ASP A 40 16.70 -3.75 29.77
C ASP A 40 17.19 -3.05 31.04
N PHE A 41 17.80 -3.83 31.94
CA PHE A 41 18.34 -3.30 33.19
C PHE A 41 19.35 -2.20 32.88
N LEU A 42 20.29 -2.51 31.99
CA LEU A 42 21.33 -1.55 31.59
C LEU A 42 20.67 -0.36 30.92
N LEU A 43 19.58 -0.63 30.20
CA LEU A 43 18.86 0.41 29.49
C LEU A 43 18.41 1.46 30.47
N LYS A 44 17.70 1.00 31.50
CA LYS A 44 17.21 1.92 32.53
C LYS A 44 18.40 2.70 33.06
N GLU A 45 19.47 1.97 33.35
CA GLU A 45 20.69 2.55 33.88
C GLU A 45 21.24 3.59 32.90
N PHE A 46 21.21 3.28 31.62
CA PHE A 46 21.73 4.23 30.64
C PHE A 46 20.93 5.53 30.59
N VAL A 47 19.60 5.43 30.54
CA VAL A 47 18.75 6.61 30.51
C VAL A 47 19.00 7.52 31.71
N GLU A 48 19.24 6.90 32.87
CA GLU A 48 19.52 7.67 34.09
C GLU A 48 20.82 8.42 33.86
N PHE A 49 21.82 7.67 33.40
CA PHE A 49 23.15 8.20 33.13
C PHE A 49 23.02 9.35 32.12
N PHE A 50 22.27 9.11 31.06
CA PHE A 50 22.05 10.10 30.00
C PHE A 50 21.32 11.34 30.53
N ARG A 51 20.50 11.13 31.57
CA ARG A 51 19.72 12.21 32.16
C ARG A 51 20.50 13.31 32.86
N LYS A 52 21.48 12.94 33.67
CA LYS A 52 22.29 13.92 34.39
C LYS A 52 23.46 14.32 33.53
N CYS A 53 23.50 13.72 32.34
CA CYS A 53 24.57 13.93 31.40
C CYS A 53 24.24 14.85 30.23
N VAL A 54 23.19 14.52 29.48
CA VAL A 54 22.78 15.33 28.35
C VAL A 54 21.42 15.95 28.59
N GLY A 55 20.42 15.13 28.98
CA GLY A 55 19.11 15.68 29.26
C GLY A 55 17.87 15.01 28.73
N GLU A 56 17.56 13.82 29.21
CA GLU A 56 16.35 13.10 28.80
C GLU A 56 16.35 12.75 27.31
N PRO A 57 16.41 11.45 27.00
CA PRO A 57 16.43 11.02 25.60
C PRO A 57 15.12 11.08 24.83
N ARG A 58 15.25 11.24 23.52
CA ARG A 58 14.09 11.28 22.64
C ARG A 58 13.76 9.81 22.44
N ALA A 59 12.52 9.51 22.12
CA ALA A 59 12.10 8.13 21.91
C ALA A 59 13.05 7.37 20.95
N ILE A 60 13.45 8.03 19.89
CA ILE A 60 14.32 7.43 18.89
C ILE A 60 15.68 7.09 19.46
N GLN A 61 16.14 7.90 20.41
CA GLN A 61 17.44 7.65 21.03
C GLN A 61 17.38 6.42 21.93
N LYS A 62 16.25 6.22 22.59
CA LYS A 62 16.09 5.05 23.46
C LYS A 62 16.12 3.79 22.60
N MET A 63 15.48 3.86 21.43
CA MET A 63 15.43 2.72 20.54
C MET A 63 16.85 2.33 20.10
N TRP A 64 17.63 3.34 19.73
CA TRP A 64 19.00 3.12 19.32
C TRP A 64 19.72 2.39 20.47
N ALA A 65 19.45 2.84 21.68
CA ALA A 65 20.05 2.26 22.87
C ALA A 65 19.75 0.76 22.96
N LYS A 66 18.47 0.41 22.86
CA LYS A 66 18.05 -1.00 22.91
C LYS A 66 18.82 -1.84 21.89
N ARG A 67 18.94 -1.34 20.66
CA ARG A 67 19.66 -2.07 19.61
C ARG A 67 21.14 -2.23 19.94
N ILE A 68 21.71 -1.27 20.66
CA ILE A 68 23.13 -1.31 21.01
C ILE A 68 23.46 -2.25 22.18
N LEU A 69 22.66 -2.20 23.24
CA LEU A 69 22.89 -3.06 24.41
C LEU A 69 22.73 -4.51 23.99
N ARG A 70 22.13 -4.69 22.82
CA ARG A 70 21.85 -6.00 22.26
C ARG A 70 22.89 -6.34 21.20
N LYS A 71 23.77 -5.38 20.94
CA LYS A 71 24.85 -5.55 19.98
C LYS A 71 24.36 -5.61 18.55
N GLU A 72 23.41 -4.76 18.21
CA GLU A 72 22.88 -4.71 16.86
C GLU A 72 23.47 -3.51 16.10
N SER A 73 24.07 -3.75 14.95
CA SER A 73 24.61 -2.65 14.17
C SER A 73 23.50 -2.02 13.34
N PHE A 74 23.65 -0.73 13.01
CA PHE A 74 22.67 -0.03 12.21
C PHE A 74 23.13 1.38 11.80
N ALA A 75 22.52 1.90 10.73
CA ALA A 75 22.79 3.24 10.24
C ALA A 75 21.50 4.02 10.51
N ALA A 76 21.61 5.30 10.88
CA ALA A 76 20.41 6.07 11.16
C ALA A 76 20.15 7.22 10.19
N THR A 77 18.87 7.60 10.10
CA THR A 77 18.45 8.73 9.28
C THR A 77 17.27 9.30 10.04
N ALA A 78 17.57 9.98 11.14
CA ALA A 78 16.54 10.55 11.98
C ALA A 78 16.25 11.98 11.57
N PRO A 79 15.00 12.40 11.73
CA PRO A 79 14.65 13.78 11.37
C PRO A 79 15.60 14.75 12.09
N THR A 80 15.97 15.85 11.42
CA THR A 80 16.88 16.83 12.01
C THR A 80 16.40 17.31 13.37
N GLY A 81 17.31 17.34 14.33
CA GLY A 81 16.95 17.78 15.66
C GLY A 81 17.33 16.73 16.70
N VAL A 82 17.35 15.48 16.27
CA VAL A 82 17.72 14.41 17.19
C VAL A 82 19.23 14.36 17.22
N GLY A 83 19.80 14.56 18.40
CA GLY A 83 21.24 14.52 18.53
C GLY A 83 21.80 13.17 18.20
N LYS A 84 22.88 13.14 17.43
CA LYS A 84 23.53 11.90 17.06
C LYS A 84 24.88 11.79 17.79
N THR A 85 25.79 12.72 17.50
CA THR A 85 27.10 12.70 18.13
C THR A 85 26.99 12.78 19.64
N SER A 86 26.12 13.66 20.13
CA SER A 86 25.92 13.81 21.56
C SER A 86 25.52 12.49 22.18
N PHE A 87 24.74 11.70 21.45
CA PHE A 87 24.30 10.40 21.93
C PHE A 87 25.42 9.35 21.87
N GLY A 88 26.14 9.28 20.75
CA GLY A 88 27.21 8.33 20.62
C GLY A 88 28.24 8.51 21.72
N LEU A 89 28.62 9.76 21.94
CA LEU A 89 29.58 10.10 22.98
C LEU A 89 29.08 9.73 24.38
N ALA A 90 27.78 9.81 24.60
CA ALA A 90 27.25 9.47 25.91
C ALA A 90 27.20 7.96 26.13
N MET A 91 26.90 7.21 25.06
CA MET A 91 26.82 5.76 25.15
C MET A 91 28.23 5.22 25.31
N SER A 92 29.14 5.76 24.53
CA SER A 92 30.54 5.36 24.57
C SER A 92 31.06 5.47 26.00
N LEU A 93 30.84 6.62 26.62
CA LEU A 93 31.27 6.82 27.99
C LEU A 93 30.63 5.73 28.87
N PHE A 94 29.31 5.75 28.94
CA PHE A 94 28.54 4.79 29.73
C PHE A 94 29.04 3.36 29.53
N LEU A 95 29.28 3.00 28.28
CA LEU A 95 29.74 1.67 27.95
C LEU A 95 31.15 1.40 28.47
N ALA A 96 32.00 2.43 28.44
CA ALA A 96 33.39 2.33 28.89
C ALA A 96 33.47 2.16 30.39
N LEU A 97 32.59 2.84 31.12
CA LEU A 97 32.58 2.73 32.56
C LEU A 97 32.24 1.29 32.96
N LYS A 98 31.71 0.52 32.01
CA LYS A 98 31.38 -0.87 32.23
C LYS A 98 32.48 -1.77 31.65
N GLY A 99 33.51 -1.15 31.11
CA GLY A 99 34.61 -1.91 30.53
C GLY A 99 34.20 -2.48 29.19
N LYS A 100 33.84 -1.61 28.25
CA LYS A 100 33.39 -2.07 26.94
C LYS A 100 34.28 -1.75 25.74
N ARG A 101 35.11 -0.72 25.85
CA ARG A 101 35.99 -0.35 24.72
C ARG A 101 35.17 0.10 23.49
N CYS A 102 35.00 1.41 23.39
CA CYS A 102 34.26 2.01 22.28
C CYS A 102 35.18 2.89 21.45
N TYR A 103 34.99 2.84 20.14
CA TYR A 103 35.81 3.59 19.21
C TYR A 103 34.97 4.67 18.56
N VAL A 104 35.41 5.92 18.68
CA VAL A 104 34.68 7.03 18.08
C VAL A 104 35.53 7.63 16.97
N ILE A 105 35.05 7.53 15.73
CA ILE A 105 35.79 8.04 14.58
C ILE A 105 35.27 9.37 14.05
N PHE A 106 36.20 10.27 13.76
CA PHE A 106 35.89 11.59 13.22
C PHE A 106 36.70 11.87 11.97
N PRO A 107 36.12 12.61 11.02
CA PRO A 107 36.81 12.96 9.78
C PRO A 107 37.76 14.15 9.96
N THR A 108 37.66 14.81 11.11
CA THR A 108 38.47 15.99 11.42
C THR A 108 39.22 15.95 12.74
N SER A 109 40.39 16.57 12.75
CA SER A 109 41.24 16.64 13.92
C SER A 109 40.61 17.58 14.96
N LEU A 110 40.01 18.66 14.48
CA LEU A 110 39.36 19.62 15.36
C LEU A 110 38.23 18.89 16.09
N LEU A 111 37.49 18.07 15.34
CA LEU A 111 36.35 17.30 15.87
C LEU A 111 36.75 16.33 16.98
N VAL A 112 37.90 15.70 16.83
CA VAL A 112 38.42 14.77 17.81
C VAL A 112 38.64 15.48 19.15
N ILE A 113 39.14 16.71 19.09
CA ILE A 113 39.39 17.50 20.31
C ILE A 113 38.09 17.83 21.02
N GLN A 114 37.14 18.39 20.28
CA GLN A 114 35.84 18.76 20.87
C GLN A 114 35.24 17.52 21.51
N ALA A 115 35.29 16.42 20.79
CA ALA A 115 34.74 15.18 21.28
C ALA A 115 35.37 14.88 22.64
N ALA A 116 36.70 14.85 22.66
CA ALA A 116 37.46 14.57 23.87
C ALA A 116 37.08 15.51 25.00
N GLU A 117 36.89 16.78 24.69
CA GLU A 117 36.52 17.77 25.69
C GLU A 117 35.08 17.56 26.16
N THR A 118 34.22 17.21 25.21
CA THR A 118 32.81 16.97 25.53
C THR A 118 32.65 15.76 26.45
N ILE A 119 33.30 14.66 26.10
CA ILE A 119 33.20 13.45 26.92
C ILE A 119 33.70 13.72 28.33
N ARG A 120 34.67 14.60 28.44
CA ARG A 120 35.23 14.93 29.74
C ARG A 120 34.22 15.79 30.50
N LYS A 121 33.50 16.64 29.77
CA LYS A 121 32.48 17.48 30.41
C LYS A 121 31.35 16.59 30.93
N TYR A 122 31.04 15.53 30.19
CA TYR A 122 29.99 14.59 30.62
C TYR A 122 30.48 13.94 31.89
N ALA A 123 31.70 13.43 31.86
CA ALA A 123 32.29 12.77 33.01
C ALA A 123 32.10 13.65 34.22
N GLU A 124 31.92 14.95 33.99
CA GLU A 124 31.74 15.93 35.06
C GLU A 124 30.45 15.70 35.86
N LYS A 125 30.10 14.44 36.06
CA LYS A 125 28.90 14.07 36.82
C LYS A 125 29.06 12.68 37.42
N ALA A 126 30.31 12.31 37.73
CA ALA A 126 30.64 11.01 38.29
C ALA A 126 32.13 10.74 38.11
N GLY A 127 32.71 11.33 37.07
CA GLY A 127 34.12 11.15 36.81
C GLY A 127 34.45 9.93 35.98
N VAL A 128 35.73 9.80 35.63
CA VAL A 128 36.21 8.67 34.83
C VAL A 128 37.42 8.06 35.52
N GLY A 129 37.86 6.89 35.04
CA GLY A 129 39.02 6.25 35.62
C GLY A 129 40.24 7.05 35.16
N THR A 130 40.22 8.35 35.46
CA THR A 130 41.29 9.27 35.07
C THR A 130 41.28 9.34 33.55
N GLU A 131 42.39 9.80 32.96
CA GLU A 131 42.47 9.87 31.51
C GLU A 131 43.00 8.56 30.96
N ASN A 132 43.18 7.59 31.85
CA ASN A 132 43.65 6.27 31.45
C ASN A 132 42.49 5.60 30.73
N LEU A 133 41.29 6.11 31.01
CA LEU A 133 40.05 5.63 30.42
C LEU A 133 39.99 5.98 28.94
N ILE A 134 40.37 7.22 28.61
CA ILE A 134 40.31 7.67 27.23
C ILE A 134 41.63 8.09 26.58
N GLY A 135 41.76 7.78 25.30
CA GLY A 135 42.93 8.11 24.54
C GLY A 135 42.44 8.54 23.18
N TYR A 136 43.10 9.51 22.57
CA TYR A 136 42.70 9.97 21.26
C TYR A 136 43.90 10.33 20.41
N TYR A 137 43.64 10.68 19.16
CA TYR A 137 44.72 11.06 18.25
C TYR A 137 44.29 12.13 17.27
N HIS A 138 45.18 13.08 17.01
CA HIS A 138 44.92 14.15 16.05
C HIS A 138 46.23 14.64 15.45
N GLY A 139 46.14 15.67 14.62
CA GLY A 139 47.31 16.22 13.94
C GLY A 139 48.34 16.95 14.80
N ARG A 140 47.87 17.76 15.74
CA ARG A 140 48.76 18.51 16.62
C ARG A 140 49.41 17.55 17.61
N ILE A 141 50.26 16.69 17.06
CA ILE A 141 51.00 15.65 17.78
C ILE A 141 52.00 16.12 18.84
N PRO A 142 51.65 15.98 20.13
CA PRO A 142 52.59 16.39 21.18
C PRO A 142 53.79 15.46 21.19
N LYS A 143 53.77 14.49 20.28
CA LYS A 143 54.85 13.50 20.14
C LYS A 143 55.01 12.64 21.39
N ARG A 144 55.22 13.28 22.53
CA ARG A 144 55.36 12.53 23.77
C ARG A 144 53.98 12.13 24.27
N GLU A 145 52.94 12.72 23.69
CA GLU A 145 51.57 12.38 24.07
C GLU A 145 51.08 11.21 23.23
N LYS A 146 51.59 11.11 21.99
CA LYS A 146 51.19 10.02 21.11
C LYS A 146 51.93 8.74 21.45
N GLU A 147 53.12 8.87 22.03
CA GLU A 147 53.88 7.69 22.42
C GLU A 147 53.05 6.95 23.46
N ASN A 148 52.54 7.71 24.44
CA ASN A 148 51.71 7.14 25.49
C ASN A 148 50.50 6.46 24.84
N PHE A 149 49.90 7.17 23.89
CA PHE A 149 48.73 6.66 23.18
C PHE A 149 49.04 5.36 22.44
N MET A 150 50.06 5.39 21.59
CA MET A 150 50.44 4.23 20.80
C MET A 150 50.85 3.01 21.61
N GLN A 151 51.37 3.23 22.81
CA GLN A 151 51.80 2.12 23.65
C GLN A 151 50.69 1.64 24.57
N ASN A 152 49.72 2.51 24.81
CA ASN A 152 48.59 2.19 25.67
C ASN A 152 47.34 1.99 24.82
N LEU A 153 47.53 1.92 23.50
CA LEU A 153 46.43 1.79 22.54
C LEU A 153 45.32 0.80 22.86
N ARG A 154 45.60 -0.48 22.70
CA ARG A 154 44.62 -1.53 22.95
C ARG A 154 44.15 -1.61 24.40
N ASN A 155 44.72 -0.79 25.28
CA ASN A 155 44.33 -0.79 26.67
C ASN A 155 43.34 0.32 27.03
N PHE A 156 43.11 1.24 26.11
CA PHE A 156 42.17 2.32 26.33
C PHE A 156 40.73 1.81 26.19
N LYS A 157 39.82 2.34 27.00
CA LYS A 157 38.43 1.93 26.94
C LYS A 157 37.66 2.74 25.89
N ILE A 158 38.03 4.00 25.72
CA ILE A 158 37.39 4.88 24.73
C ILE A 158 38.48 5.45 23.87
N VAL A 159 38.38 5.23 22.56
CA VAL A 159 39.38 5.75 21.63
C VAL A 159 38.67 6.62 20.61
N ILE A 160 39.17 7.84 20.44
CA ILE A 160 38.59 8.78 19.49
C ILE A 160 39.71 9.18 18.58
N THR A 161 39.54 9.00 17.29
CA THR A 161 40.58 9.37 16.33
C THR A 161 39.99 9.79 15.01
N THR A 162 40.87 10.16 14.10
CA THR A 162 40.45 10.55 12.78
C THR A 162 40.31 9.22 12.03
N THR A 163 39.87 9.29 10.78
CA THR A 163 39.71 8.10 9.97
C THR A 163 41.11 7.68 9.52
N GLN A 164 41.89 8.69 9.14
CA GLN A 164 43.28 8.51 8.72
C GLN A 164 44.00 7.61 9.71
N PHE A 165 43.59 7.65 10.96
CA PHE A 165 44.23 6.84 11.96
C PHE A 165 43.75 5.40 11.84
N LEU A 166 42.48 5.24 11.49
CA LEU A 166 41.88 3.92 11.30
C LEU A 166 42.60 3.24 10.15
N SER A 167 42.73 3.98 9.05
CA SER A 167 43.37 3.50 7.84
C SER A 167 44.85 3.17 7.99
N LYS A 168 45.59 4.02 8.70
CA LYS A 168 47.02 3.78 8.88
C LYS A 168 47.22 2.43 9.58
N HIS A 169 46.55 2.24 10.70
CA HIS A 169 46.70 0.96 11.39
C HIS A 169 45.45 0.42 12.08
N TYR A 170 44.64 -0.29 11.30
CA TYR A 170 43.44 -0.94 11.79
C TYR A 170 43.93 -2.05 12.70
N ARG A 171 45.06 -2.67 12.35
CA ARG A 171 45.65 -3.68 13.21
C ARG A 171 46.14 -2.81 14.36
N GLU A 172 46.54 -3.41 15.48
CA GLU A 172 47.01 -2.60 16.61
C GLU A 172 45.89 -1.87 17.35
N LEU A 173 44.82 -1.53 16.63
CA LEU A 173 43.68 -0.85 17.26
C LEU A 173 42.96 -1.83 18.16
N GLY A 174 43.07 -3.11 17.83
CA GLY A 174 42.42 -4.12 18.63
C GLY A 174 40.96 -4.27 18.25
N HIS A 175 40.19 -4.89 19.12
CA HIS A 175 38.77 -5.12 18.88
C HIS A 175 37.86 -4.22 19.71
N PHE A 176 36.72 -3.84 19.14
CA PHE A 176 35.80 -2.97 19.85
C PHE A 176 34.43 -3.60 20.11
N ASP A 177 33.80 -3.17 21.20
CA ASP A 177 32.48 -3.66 21.54
C ASP A 177 31.44 -2.78 20.86
N PHE A 178 31.82 -1.52 20.65
CA PHE A 178 30.97 -0.52 20.01
C PHE A 178 31.83 0.48 19.23
N ILE A 179 31.37 0.84 18.04
CA ILE A 179 32.06 1.78 17.17
C ILE A 179 31.03 2.78 16.62
N PHE A 180 31.26 4.07 16.86
CA PHE A 180 30.36 5.11 16.39
C PHE A 180 30.97 5.85 15.21
N VAL A 181 30.29 5.80 14.06
CA VAL A 181 30.76 6.49 12.87
C VAL A 181 29.92 7.74 12.55
N ASP A 182 30.60 8.88 12.48
CA ASP A 182 29.96 10.16 12.21
C ASP A 182 30.04 10.48 10.71
N ASP A 183 31.26 10.47 10.20
CA ASP A 183 31.58 10.77 8.81
C ASP A 183 31.34 9.58 7.87
N VAL A 184 30.09 9.11 7.80
CA VAL A 184 29.75 7.96 6.94
C VAL A 184 30.54 7.91 5.63
N ASP A 185 30.33 8.91 4.79
CA ASP A 185 31.00 8.96 3.49
C ASP A 185 32.51 9.10 3.60
N ALA A 186 32.97 10.06 4.40
CA ALA A 186 34.39 10.31 4.59
C ALA A 186 35.16 9.00 4.77
N ILE A 187 34.48 8.00 5.32
CA ILE A 187 35.07 6.67 5.54
C ILE A 187 34.94 5.77 4.32
N LEU A 188 33.81 5.82 3.64
CA LEU A 188 33.60 4.99 2.45
C LEU A 188 34.54 5.43 1.34
N LYS A 189 35.11 6.62 1.49
CA LYS A 189 36.02 7.17 0.50
C LYS A 189 37.08 6.16 0.06
N ALA A 190 37.84 5.64 1.02
CA ALA A 190 38.87 4.65 0.72
C ALA A 190 38.35 3.25 1.06
N SER A 191 37.65 2.65 0.11
CA SER A 191 37.07 1.31 0.24
C SER A 191 37.72 0.40 1.28
N LYS A 192 39.05 0.31 1.26
CA LYS A 192 39.78 -0.53 2.20
C LYS A 192 39.51 -0.22 3.68
N ASN A 193 38.84 0.88 3.96
CA ASN A 193 38.52 1.23 5.34
C ASN A 193 37.37 0.34 5.83
N VAL A 194 36.48 -0.02 4.91
CA VAL A 194 35.36 -0.87 5.24
C VAL A 194 35.86 -2.22 5.76
N ASP A 195 36.94 -2.72 5.17
CA ASP A 195 37.53 -3.99 5.59
C ASP A 195 38.25 -3.78 6.93
N LYS A 196 38.90 -2.62 7.05
CA LYS A 196 39.62 -2.28 8.26
C LYS A 196 38.63 -2.07 9.39
N LEU A 197 37.46 -1.55 9.06
CA LEU A 197 36.42 -1.33 10.04
C LEU A 197 35.96 -2.73 10.48
N LEU A 198 35.70 -3.58 9.49
CA LEU A 198 35.26 -4.96 9.71
C LEU A 198 36.20 -5.71 10.65
N HIS A 199 37.51 -5.48 10.46
CA HIS A 199 38.56 -6.11 11.25
C HIS A 199 38.52 -5.76 12.72
N LEU A 200 38.07 -4.55 13.05
CA LEU A 200 37.99 -4.13 14.44
C LEU A 200 36.76 -4.75 15.09
N LEU A 201 35.83 -5.19 14.24
CA LEU A 201 34.60 -5.82 14.69
C LEU A 201 34.75 -7.32 14.83
N GLY A 202 35.89 -7.86 14.40
CA GLY A 202 36.15 -9.28 14.52
C GLY A 202 36.10 -10.15 13.27
N PHE A 203 36.18 -9.55 12.09
CA PHE A 203 36.12 -10.29 10.82
C PHE A 203 37.36 -10.12 9.92
N HIS A 204 37.83 -11.22 9.34
CA HIS A 204 38.93 -11.15 8.40
C HIS A 204 38.51 -11.94 7.16
N TYR A 205 39.28 -11.80 6.09
CA TYR A 205 38.95 -12.46 4.83
C TYR A 205 40.02 -13.45 4.40
N ASP A 206 39.77 -14.75 4.58
CA ASP A 206 40.76 -15.74 4.18
C ASP A 206 40.70 -15.96 2.67
N LEU A 207 41.87 -16.16 2.08
CA LEU A 207 42.00 -16.36 0.64
C LEU A 207 41.52 -17.72 0.16
N LYS A 208 41.59 -18.74 1.02
CA LYS A 208 41.15 -20.07 0.66
C LYS A 208 39.65 -20.11 0.28
N THR A 209 38.80 -19.98 1.29
CA THR A 209 37.36 -20.00 1.10
C THR A 209 36.90 -18.89 0.17
N LYS A 210 37.79 -17.93 -0.08
CA LYS A 210 37.50 -16.80 -0.96
C LYS A 210 36.36 -15.95 -0.38
N SER A 211 36.28 -15.87 0.95
CA SER A 211 35.20 -15.09 1.54
C SER A 211 35.53 -14.56 2.92
N TRP A 212 34.66 -13.72 3.45
CA TRP A 212 34.85 -13.16 4.77
C TRP A 212 34.43 -14.16 5.83
N VAL A 213 35.14 -14.17 6.95
CA VAL A 213 34.83 -15.06 8.04
C VAL A 213 34.92 -14.33 9.37
N GLY A 214 34.45 -14.99 10.43
CA GLY A 214 34.51 -14.39 11.75
C GLY A 214 33.16 -14.18 12.40
N GLU A 215 33.18 -13.63 13.60
CA GLU A 215 31.97 -13.35 14.34
C GLU A 215 32.04 -11.94 14.89
N ALA A 216 30.94 -11.21 14.79
CA ALA A 216 30.90 -9.83 15.28
C ALA A 216 31.18 -9.75 16.78
N ARG A 217 32.27 -9.07 17.14
CA ARG A 217 32.65 -8.89 18.54
C ARG A 217 32.06 -7.60 19.10
N GLY A 218 31.38 -6.85 18.24
CA GLY A 218 30.75 -5.61 18.66
C GLY A 218 29.80 -5.13 17.59
N CYS A 219 29.14 -4.02 17.84
CA CYS A 219 28.20 -3.49 16.86
C CYS A 219 28.69 -2.13 16.39
N LEU A 220 28.16 -1.69 15.26
CA LEU A 220 28.54 -0.43 14.64
C LEU A 220 27.36 0.50 14.40
N MET A 221 27.49 1.76 14.83
CA MET A 221 26.43 2.72 14.61
C MET A 221 26.87 3.75 13.59
N VAL A 222 26.03 3.95 12.59
CA VAL A 222 26.28 4.92 11.52
C VAL A 222 25.21 6.02 11.51
N SER A 223 25.47 7.10 10.80
CA SER A 223 24.50 8.20 10.66
C SER A 223 24.20 8.33 9.16
N THR A 224 23.99 7.16 8.56
CA THR A 224 23.65 6.92 7.15
C THR A 224 24.43 7.60 6.02
N ALA A 225 24.41 6.95 4.86
CA ALA A 225 25.13 7.42 3.67
C ALA A 225 24.21 7.86 2.54
N THR A 226 24.71 8.80 1.73
CA THR A 226 23.96 9.34 0.60
C THR A 226 23.57 8.22 -0.35
N ALA A 227 23.10 8.59 -1.53
CA ALA A 227 22.71 7.62 -2.53
C ALA A 227 23.89 6.73 -2.93
N LYS A 228 25.02 6.92 -2.25
CA LYS A 228 26.22 6.14 -2.54
C LYS A 228 25.99 4.65 -2.31
N LYS A 229 25.28 4.03 -3.24
CA LYS A 229 24.99 2.60 -3.14
C LYS A 229 26.23 1.81 -3.54
N GLY A 230 27.30 2.01 -2.78
CA GLY A 230 28.55 1.31 -3.05
C GLY A 230 28.37 -0.18 -2.92
N LYS A 231 29.21 -0.95 -3.58
CA LYS A 231 29.11 -2.40 -3.51
C LYS A 231 29.61 -2.96 -2.17
N LYS A 232 30.64 -2.33 -1.60
CA LYS A 232 31.17 -2.79 -0.32
C LYS A 232 30.11 -2.62 0.76
N ALA A 233 29.00 -1.98 0.40
CA ALA A 233 27.90 -1.79 1.33
C ALA A 233 27.21 -3.13 1.54
N GLU A 234 27.46 -4.04 0.61
CA GLU A 234 26.89 -5.38 0.65
C GLU A 234 27.48 -6.16 1.81
N LEU A 235 28.70 -5.83 2.18
CA LEU A 235 29.39 -6.49 3.29
C LEU A 235 28.66 -6.22 4.61
N PHE A 236 28.26 -4.96 4.81
CA PHE A 236 27.56 -4.60 6.02
C PHE A 236 26.31 -5.43 6.16
N ARG A 237 25.57 -5.53 5.05
CA ARG A 237 24.33 -6.30 5.01
C ARG A 237 24.65 -7.78 5.27
N GLN A 238 25.68 -8.29 4.60
CA GLN A 238 26.11 -9.67 4.71
C GLN A 238 26.72 -10.05 6.06
N LEU A 239 27.57 -9.19 6.60
CA LEU A 239 28.26 -9.47 7.85
C LEU A 239 27.68 -8.84 9.10
N LEU A 240 27.10 -7.64 8.97
CA LEU A 240 26.53 -6.96 10.13
C LEU A 240 25.02 -6.80 10.07
N ASN A 241 24.42 -7.49 9.11
CA ASN A 241 22.98 -7.48 8.88
C ASN A 241 22.29 -6.15 9.16
N PHE A 242 22.57 -5.15 8.33
CA PHE A 242 21.96 -3.84 8.47
C PHE A 242 22.18 -3.09 7.18
N ASP A 243 21.33 -2.11 6.93
CA ASP A 243 21.41 -1.32 5.71
C ASP A 243 21.95 0.08 5.94
N ILE A 244 23.12 0.38 5.37
CA ILE A 244 23.69 1.73 5.45
C ILE A 244 22.94 2.39 4.31
N GLY A 245 23.25 3.64 4.00
CA GLY A 245 22.51 4.25 2.90
C GLY A 245 21.10 4.51 3.34
N SER A 246 20.72 5.78 3.33
CA SER A 246 19.43 6.22 3.80
C SER A 246 18.20 6.07 2.90
N SER A 247 17.05 6.30 3.51
CA SER A 247 15.80 6.27 2.81
C SER A 247 15.75 7.64 2.15
N ARG A 248 14.80 7.84 1.23
CA ARG A 248 14.67 9.12 0.57
C ARG A 248 13.30 9.71 0.92
N ILE A 249 13.28 10.59 1.91
CA ILE A 249 12.03 11.20 2.34
C ILE A 249 11.44 12.14 1.30
N THR A 250 10.13 12.01 1.06
CA THR A 250 9.44 12.86 0.11
C THR A 250 8.21 13.54 0.69
N VAL A 251 7.96 13.37 1.97
CA VAL A 251 6.80 14.00 2.57
C VAL A 251 7.01 15.51 2.40
N ARG A 252 5.93 16.27 2.27
CA ARG A 252 6.07 17.72 2.08
C ARG A 252 4.87 18.53 2.55
N ASN A 253 5.13 19.71 3.07
CA ASN A 253 4.08 20.62 3.51
C ASN A 253 4.33 21.92 2.77
N VAL A 254 3.77 22.01 1.57
CA VAL A 254 3.98 23.17 0.72
C VAL A 254 2.71 23.67 0.04
N GLU A 255 2.50 24.98 0.11
CA GLU A 255 1.34 25.60 -0.54
C GLU A 255 1.72 25.79 -1.99
N ASP A 256 1.07 25.08 -2.91
CA ASP A 256 1.40 25.18 -4.33
C ASP A 256 0.51 26.16 -5.08
N VAL A 257 1.14 27.00 -5.91
CA VAL A 257 0.42 28.00 -6.68
C VAL A 257 0.75 27.92 -8.16
N ALA A 258 -0.29 27.96 -8.99
CA ALA A 258 -0.12 27.92 -10.44
C ALA A 258 -0.55 29.26 -11.03
N VAL A 259 0.27 29.79 -11.92
CA VAL A 259 -0.02 31.08 -12.56
C VAL A 259 0.26 31.05 -14.05
N ASN A 260 -0.78 31.24 -14.85
CA ASN A 260 -0.63 31.22 -16.29
C ASN A 260 -0.13 32.57 -16.74
N ASP A 261 1.11 32.87 -16.37
CA ASP A 261 1.78 34.11 -16.73
C ASP A 261 3.18 34.18 -16.16
N GLU A 262 4.17 33.87 -16.98
CA GLU A 262 5.55 33.92 -16.50
C GLU A 262 6.19 35.24 -16.91
N SER A 263 5.38 36.31 -16.88
CA SER A 263 5.86 37.64 -17.23
C SER A 263 6.85 38.06 -16.17
N ILE A 264 8.12 38.14 -16.55
CA ILE A 264 9.19 38.51 -15.64
C ILE A 264 8.96 39.95 -15.16
N SER A 265 7.76 40.21 -14.64
CA SER A 265 7.40 41.54 -14.18
C SER A 265 6.42 41.54 -13.00
N THR A 266 5.27 42.18 -13.20
CA THR A 266 4.26 42.30 -12.16
C THR A 266 3.88 40.96 -11.55
N LEU A 267 4.53 39.89 -12.01
CA LEU A 267 4.24 38.58 -11.47
C LEU A 267 5.42 38.05 -10.67
N SER A 268 6.57 37.89 -11.32
CA SER A 268 7.74 37.38 -10.63
C SER A 268 8.15 38.35 -9.54
N SER A 269 8.16 39.65 -9.88
CA SER A 269 8.55 40.70 -8.94
C SER A 269 7.54 40.95 -7.84
N ILE A 270 6.26 40.73 -8.12
CA ILE A 270 5.26 40.96 -7.09
C ILE A 270 5.24 39.81 -6.10
N LEU A 271 5.60 38.62 -6.56
CA LEU A 271 5.62 37.50 -5.65
C LEU A 271 6.63 37.81 -4.53
N GLU A 272 7.59 38.67 -4.83
CA GLU A 272 8.57 39.10 -3.84
C GLU A 272 7.87 40.10 -2.91
N LYS A 273 6.81 39.62 -2.28
CA LYS A 273 6.00 40.37 -1.32
C LYS A 273 5.84 39.30 -0.25
N LEU A 274 6.52 38.20 -0.50
CA LEU A 274 6.53 37.07 0.39
C LEU A 274 7.75 37.32 1.25
N GLY A 275 8.72 38.03 0.67
CA GLY A 275 9.92 38.35 1.41
C GLY A 275 11.18 37.68 0.88
N THR A 276 12.18 37.66 1.74
CA THR A 276 13.48 37.09 1.43
C THR A 276 13.50 35.56 1.37
N GLY A 277 14.61 35.04 0.85
CA GLY A 277 14.81 33.61 0.78
C GLY A 277 14.05 32.84 -0.27
N GLY A 278 14.22 33.22 -1.54
CA GLY A 278 13.53 32.54 -2.60
C GLY A 278 14.46 31.92 -3.62
N ILE A 279 14.12 30.70 -4.03
CA ILE A 279 14.91 29.99 -5.02
C ILE A 279 14.09 30.05 -6.31
N ILE A 280 14.66 30.63 -7.35
CA ILE A 280 13.99 30.74 -8.65
C ILE A 280 14.57 29.71 -9.60
N TYR A 281 13.74 28.79 -10.07
CA TYR A 281 14.20 27.75 -11.02
C TYR A 281 13.80 28.15 -12.43
N ALA A 282 14.78 28.28 -13.32
CA ALA A 282 14.48 28.66 -14.71
C ALA A 282 14.57 27.42 -15.58
N ARG A 283 14.02 27.51 -16.79
CA ARG A 283 14.04 26.38 -17.71
C ARG A 283 15.45 25.99 -18.10
N THR A 284 16.24 27.00 -18.47
CA THR A 284 17.62 26.79 -18.90
C THR A 284 18.57 27.81 -18.32
N GLY A 285 19.81 27.80 -18.81
CA GLY A 285 20.82 28.72 -18.35
C GLY A 285 20.60 30.13 -18.84
N GLU A 286 20.11 30.27 -20.08
CA GLU A 286 19.86 31.59 -20.65
C GLU A 286 18.71 32.29 -19.93
N GLU A 287 17.60 31.57 -19.78
CA GLU A 287 16.44 32.14 -19.11
C GLU A 287 16.81 32.64 -17.72
N ALA A 288 17.81 32.02 -17.10
CA ALA A 288 18.25 32.43 -15.78
C ALA A 288 19.00 33.76 -15.82
N GLU A 289 19.90 33.90 -16.81
CA GLU A 289 20.66 35.13 -16.97
C GLU A 289 19.64 36.16 -17.42
N GLU A 290 18.78 35.70 -18.33
CA GLU A 290 17.72 36.52 -18.90
C GLU A 290 16.81 37.09 -17.81
N ILE A 291 16.56 36.29 -16.77
CA ILE A 291 15.72 36.69 -15.64
C ILE A 291 16.53 37.54 -14.66
N TYR A 292 17.82 37.22 -14.53
CA TYR A 292 18.72 37.96 -13.65
C TYR A 292 18.81 39.43 -14.05
N GLU A 293 19.37 39.67 -15.24
CA GLU A 293 19.52 41.04 -15.72
C GLU A 293 18.20 41.76 -15.80
N SER A 294 17.12 40.99 -15.92
CA SER A 294 15.79 41.57 -16.02
C SER A 294 15.24 41.82 -14.63
N LEU A 295 16.12 41.86 -13.65
CA LEU A 295 15.68 42.08 -12.27
C LEU A 295 16.73 42.65 -11.33
N LYS A 296 18.00 42.63 -11.74
CA LYS A 296 19.05 43.14 -10.86
C LYS A 296 18.88 44.58 -10.42
N ASN A 297 18.30 45.42 -11.26
CA ASN A 297 18.09 46.82 -10.89
C ASN A 297 17.19 46.90 -9.67
N LYS A 298 16.68 45.74 -9.26
CA LYS A 298 15.83 45.60 -8.09
C LYS A 298 16.16 44.26 -7.43
N PHE A 299 15.84 44.13 -6.14
CA PHE A 299 16.13 42.89 -5.40
C PHE A 299 17.64 42.61 -5.38
N ARG A 300 18.12 42.05 -4.28
CA ARG A 300 19.53 41.70 -4.19
C ARG A 300 19.61 40.23 -4.61
N ILE A 301 19.46 40.02 -5.92
CA ILE A 301 19.46 38.68 -6.50
C ILE A 301 20.82 38.14 -6.88
N GLY A 302 20.84 36.87 -7.26
CA GLY A 302 22.06 36.20 -7.65
C GLY A 302 21.71 35.13 -8.66
N ILE A 303 22.73 34.45 -9.17
CA ILE A 303 22.51 33.41 -10.16
C ILE A 303 23.67 32.42 -10.16
N VAL A 304 23.35 31.14 -10.24
CA VAL A 304 24.36 30.10 -10.22
C VAL A 304 24.47 29.27 -11.50
N THR A 305 23.44 28.49 -11.81
CA THR A 305 23.46 27.64 -13.01
C THR A 305 23.95 28.41 -14.23
N ALA A 306 25.10 27.97 -14.75
CA ALA A 306 25.78 28.57 -15.90
C ALA A 306 26.90 29.46 -15.36
N THR A 307 27.28 29.22 -14.11
CA THR A 307 28.32 29.97 -13.42
C THR A 307 28.90 29.03 -12.35
N LYS A 308 30.08 29.34 -11.84
CA LYS A 308 30.68 28.51 -10.80
C LYS A 308 29.72 28.45 -9.63
N LYS A 309 29.71 29.52 -8.83
CA LYS A 309 28.85 29.61 -7.66
C LYS A 309 29.12 30.88 -6.87
N GLY A 310 29.25 32.00 -7.59
CA GLY A 310 29.52 33.27 -6.94
C GLY A 310 28.47 33.69 -5.93
N ASP A 311 27.25 33.91 -6.41
CA ASP A 311 26.13 34.33 -5.57
C ASP A 311 25.69 33.31 -4.54
N TYR A 312 26.21 32.09 -4.62
CA TYR A 312 25.83 31.06 -3.67
C TYR A 312 26.11 31.51 -2.25
N GLU A 313 27.36 31.84 -1.98
CA GLU A 313 27.76 32.28 -0.64
C GLU A 313 26.99 33.53 -0.23
N LYS A 314 26.84 34.47 -1.17
CA LYS A 314 26.13 35.70 -0.87
C LYS A 314 24.74 35.34 -0.35
N PHE A 315 24.07 34.44 -1.08
CA PHE A 315 22.74 34.00 -0.70
C PHE A 315 22.78 33.20 0.60
N VAL A 316 23.80 32.36 0.74
CA VAL A 316 23.96 31.58 1.96
C VAL A 316 24.29 32.51 3.12
N GLU A 317 25.14 33.50 2.86
CA GLU A 317 25.57 34.49 3.86
C GLU A 317 24.57 35.61 4.08
N GLY A 318 23.55 35.69 3.24
CA GLY A 318 22.54 36.72 3.41
C GLY A 318 22.75 38.08 2.75
N GLU A 319 23.73 38.20 1.87
CA GLU A 319 23.94 39.48 1.21
C GLU A 319 23.01 39.56 0.01
N ILE A 320 22.64 38.38 -0.48
CA ILE A 320 21.73 38.27 -1.61
C ILE A 320 20.41 37.72 -1.03
N ASP A 321 19.29 38.34 -1.38
CA ASP A 321 17.99 37.89 -0.86
C ASP A 321 17.35 36.76 -1.64
N HIS A 322 17.62 36.68 -2.94
CA HIS A 322 17.06 35.62 -3.78
C HIS A 322 18.13 35.10 -4.73
N LEU A 323 18.10 33.80 -5.03
CA LEU A 323 19.08 33.22 -5.92
C LEU A 323 18.35 32.44 -7.00
N ILE A 324 18.86 32.51 -8.23
CA ILE A 324 18.19 31.80 -9.31
C ILE A 324 19.16 30.92 -10.06
N GLY A 325 18.65 29.77 -10.49
CA GLY A 325 19.46 28.84 -11.25
C GLY A 325 18.53 27.94 -12.03
N THR A 326 19.04 26.79 -12.44
CA THR A 326 18.25 25.84 -13.18
C THR A 326 17.96 24.69 -12.23
N ALA A 327 16.80 24.07 -12.39
CA ALA A 327 16.44 22.96 -11.51
C ALA A 327 17.55 21.94 -11.49
N HIS A 328 17.90 21.45 -12.67
CA HIS A 328 18.95 20.45 -12.84
C HIS A 328 20.34 21.00 -12.52
N ARG A 335 25.66 18.34 -0.97
CA ARG A 335 24.22 18.31 -0.70
C ARG A 335 23.40 19.14 -1.68
N GLY A 336 23.82 20.38 -1.90
CA GLY A 336 23.10 21.25 -2.82
C GLY A 336 22.49 22.46 -2.13
N LEU A 337 21.16 22.51 -2.12
CA LEU A 337 20.45 23.63 -1.50
C LEU A 337 19.72 23.28 -0.21
N ASP A 338 20.43 22.61 0.71
CA ASP A 338 19.86 22.22 2.00
C ASP A 338 20.00 23.38 2.99
N LEU A 339 19.14 24.38 2.82
CA LEU A 339 19.13 25.54 3.67
C LEU A 339 17.71 25.69 4.23
N PRO A 340 17.40 24.94 5.30
CA PRO A 340 16.08 24.96 5.94
C PRO A 340 15.67 26.30 6.54
N GLU A 341 16.63 27.20 6.73
CA GLU A 341 16.33 28.50 7.32
C GLU A 341 16.40 29.61 6.30
N ARG A 342 17.38 29.53 5.40
CA ARG A 342 17.57 30.55 4.40
C ARG A 342 16.47 30.52 3.34
N ILE A 343 16.16 29.32 2.85
CA ILE A 343 15.13 29.16 1.82
C ILE A 343 13.73 29.20 2.43
N ARG A 344 12.83 29.94 1.80
CA ARG A 344 11.47 30.02 2.32
C ARG A 344 10.40 29.66 1.28
N PHE A 345 10.72 29.85 0.00
CA PHE A 345 9.77 29.53 -1.06
C PHE A 345 10.48 29.39 -2.39
N ALA A 346 9.76 28.86 -3.37
CA ALA A 346 10.35 28.64 -4.67
C ALA A 346 9.47 29.16 -5.79
N VAL A 347 10.09 29.43 -6.93
CA VAL A 347 9.37 29.93 -8.08
C VAL A 347 9.92 29.22 -9.29
N PHE A 348 9.06 28.48 -9.98
CA PHE A 348 9.47 27.80 -11.19
C PHE A 348 9.04 28.71 -12.35
N VAL A 349 9.99 29.41 -12.96
CA VAL A 349 9.68 30.26 -14.08
C VAL A 349 9.64 29.29 -15.25
N GLY A 350 8.47 28.69 -15.45
CA GLY A 350 8.31 27.69 -16.50
C GLY A 350 8.13 26.32 -15.88
N CYS A 351 7.45 25.44 -16.58
CA CYS A 351 7.19 24.08 -16.09
C CYS A 351 8.28 23.08 -16.39
N PRO A 352 8.74 22.36 -15.37
CA PRO A 352 9.78 21.36 -15.61
C PRO A 352 9.11 20.35 -16.57
N SER A 353 9.75 20.01 -17.69
CA SER A 353 9.12 19.08 -18.62
C SER A 353 10.05 18.43 -19.64
N PHE A 354 9.61 17.32 -20.24
CA PHE A 354 10.39 16.62 -21.26
C PHE A 354 9.69 16.82 -22.59
N ARG A 355 10.31 17.57 -23.51
CA ARG A 355 9.70 17.81 -24.81
C ARG A 355 10.03 16.68 -25.79
N VAL A 356 9.06 16.30 -26.62
CA VAL A 356 9.25 15.24 -27.61
C VAL A 356 8.88 15.71 -29.02
N THR A 357 9.72 15.35 -29.99
CA THR A 357 9.50 15.71 -31.39
C THR A 357 8.61 14.69 -32.06
N ILE A 358 7.85 15.12 -33.06
CA ILE A 358 6.98 14.21 -33.78
C ILE A 358 7.40 14.09 -35.23
N GLU A 359 7.88 15.19 -35.82
CA GLU A 359 8.31 15.14 -37.20
C GLU A 359 9.22 13.93 -37.35
N ASP A 360 9.23 13.35 -38.54
CA ASP A 360 10.01 12.15 -38.81
C ASP A 360 9.93 11.15 -37.66
N ILE A 361 8.74 10.58 -37.47
CA ILE A 361 8.51 9.58 -36.44
C ILE A 361 9.49 8.47 -36.78
N ASP A 362 9.93 8.49 -38.04
CA ASP A 362 10.88 7.52 -38.58
C ASP A 362 12.26 7.65 -37.92
N SER A 363 12.38 8.58 -36.98
CA SER A 363 13.64 8.81 -36.27
C SER A 363 13.47 8.53 -34.78
N LEU A 364 12.36 7.89 -34.43
CA LEU A 364 12.08 7.55 -33.03
C LEU A 364 12.44 6.12 -32.72
N SER A 365 12.93 5.88 -31.52
CA SER A 365 13.33 4.54 -31.09
C SER A 365 12.12 3.67 -30.84
N PRO A 366 12.32 2.34 -30.88
CA PRO A 366 11.22 1.39 -30.65
C PRO A 366 10.40 1.75 -29.41
N GLN A 367 11.10 2.07 -28.32
CA GLN A 367 10.42 2.43 -27.08
C GLN A 367 9.44 3.59 -27.30
N MET A 368 9.96 4.68 -27.87
CA MET A 368 9.17 5.88 -28.11
C MET A 368 7.89 5.73 -28.92
N VAL A 369 7.97 5.09 -30.08
CA VAL A 369 6.78 4.93 -30.91
C VAL A 369 5.65 4.25 -30.14
N LYS A 370 6.00 3.32 -29.26
CA LYS A 370 4.99 2.60 -28.47
C LYS A 370 4.39 3.48 -27.37
N LEU A 371 5.23 4.24 -26.69
CA LEU A 371 4.78 5.15 -25.62
C LEU A 371 3.89 6.24 -26.20
N LEU A 372 4.22 6.70 -27.40
CA LEU A 372 3.42 7.72 -28.07
C LEU A 372 2.15 7.02 -28.55
N ALA A 373 2.30 5.74 -28.91
CA ALA A 373 1.20 4.92 -29.39
C ALA A 373 0.12 4.87 -28.32
N TYR A 374 0.52 4.65 -27.07
CA TYR A 374 -0.46 4.67 -25.98
C TYR A 374 -0.90 6.12 -26.14
N LEU A 375 -1.99 6.54 -25.52
CA LEU A 375 -2.48 7.91 -25.72
C LEU A 375 -3.54 7.83 -26.82
N TYR A 376 -3.51 6.73 -27.57
CA TYR A 376 -4.48 6.50 -28.63
C TYR A 376 -5.06 5.08 -28.59
N ARG A 377 -4.30 4.14 -28.03
CA ARG A 377 -4.75 2.75 -27.95
C ARG A 377 -4.31 2.09 -26.65
N ASN A 378 -5.05 1.08 -26.22
CA ASN A 378 -4.73 0.33 -25.00
C ASN A 378 -3.35 -0.29 -25.19
N VAL A 379 -2.52 -0.27 -24.16
CA VAL A 379 -1.17 -0.83 -24.26
C VAL A 379 -1.13 -2.20 -24.94
N ASP A 380 -1.91 -3.16 -24.46
CA ASP A 380 -1.88 -4.49 -25.06
C ASP A 380 -2.27 -4.51 -26.54
N GLU A 381 -3.25 -3.70 -26.96
CA GLU A 381 -3.53 -3.67 -28.39
C GLU A 381 -2.25 -3.24 -29.11
N ILE A 382 -1.53 -2.29 -28.50
CA ILE A 382 -0.26 -1.80 -29.07
C ILE A 382 0.81 -2.89 -28.99
N GLU A 383 1.05 -3.43 -27.79
CA GLU A 383 2.03 -4.48 -27.61
C GLU A 383 1.70 -5.62 -28.57
N ARG A 384 0.40 -5.91 -28.65
CA ARG A 384 -0.15 -6.98 -29.48
C ARG A 384 0.04 -6.72 -30.96
N LEU A 385 1.08 -5.97 -31.31
CA LEU A 385 1.42 -5.66 -32.69
C LEU A 385 2.76 -6.32 -32.98
N LEU A 386 3.29 -7.00 -31.96
CA LEU A 386 4.56 -7.72 -32.03
C LEU A 386 5.47 -7.26 -33.18
N PRO A 387 6.06 -6.05 -33.05
CA PRO A 387 6.96 -5.41 -34.02
C PRO A 387 8.27 -6.12 -34.36
N ALA A 388 8.86 -6.81 -33.39
CA ALA A 388 10.11 -7.51 -33.64
C ALA A 388 9.89 -8.77 -34.45
N VAL A 389 8.69 -9.34 -34.31
CA VAL A 389 8.35 -10.59 -35.01
C VAL A 389 7.49 -10.35 -36.25
N GLU A 390 6.48 -9.51 -36.12
CA GLU A 390 5.59 -9.22 -37.23
C GLU A 390 5.31 -7.73 -37.32
N ARG A 391 5.26 -7.20 -38.54
CA ARG A 391 5.00 -5.78 -38.74
C ARG A 391 6.08 -4.98 -38.02
N HIS A 392 7.12 -4.55 -38.73
CA HIS A 392 8.18 -3.79 -38.07
C HIS A 392 7.85 -2.31 -37.94
N ILE A 393 8.48 -1.68 -36.95
CA ILE A 393 8.29 -0.27 -36.64
C ILE A 393 8.03 0.64 -37.83
N ASP A 394 8.68 0.35 -38.96
CA ASP A 394 8.52 1.15 -40.15
C ASP A 394 7.04 1.22 -40.52
N GLU A 395 6.36 0.08 -40.38
CA GLU A 395 4.95 -0.03 -40.68
C GLU A 395 4.11 0.48 -39.50
N VAL A 396 4.68 0.36 -38.30
CA VAL A 396 4.01 0.80 -37.07
C VAL A 396 4.09 2.33 -37.00
N ARG A 397 5.08 2.88 -37.68
CA ARG A 397 5.32 4.32 -37.71
C ARG A 397 4.24 5.01 -38.55
N GLU A 398 4.02 4.49 -39.75
CA GLU A 398 3.01 5.01 -40.65
C GLU A 398 1.65 4.87 -39.96
N ILE A 399 1.45 3.75 -39.28
CA ILE A 399 0.21 3.51 -38.56
C ILE A 399 0.11 4.59 -37.49
N LEU A 400 1.23 4.85 -36.81
CA LEU A 400 1.27 5.87 -35.76
C LEU A 400 1.08 7.26 -36.39
N LYS A 401 1.69 7.47 -37.56
CA LYS A 401 1.55 8.75 -38.24
C LYS A 401 0.07 9.00 -38.49
N LYS A 402 -0.54 8.09 -39.25
CA LYS A 402 -1.95 8.15 -39.62
C LYS A 402 -2.93 8.61 -38.53
N VAL A 403 -2.96 7.91 -37.40
CA VAL A 403 -3.86 8.26 -36.31
C VAL A 403 -3.58 9.60 -35.65
N MET A 404 -2.30 9.91 -35.45
CA MET A 404 -1.93 11.17 -34.83
C MET A 404 -2.53 12.37 -35.56
N GLY A 405 -2.33 12.40 -36.86
CA GLY A 405 -2.86 13.50 -37.66
C GLY A 405 -4.25 13.23 -38.18
N LYS A 406 -5.13 12.75 -37.29
CA LYS A 406 -6.50 12.44 -37.63
C LYS A 406 -7.32 12.11 -36.38
N GLU A 407 -6.64 11.95 -35.25
CA GLU A 407 -7.33 11.63 -34.01
C GLU A 407 -6.84 12.52 -32.88
N ARG A 408 -7.70 12.73 -31.89
CA ARG A 408 -7.36 13.55 -30.73
C ARG A 408 -6.94 12.65 -29.57
N PRO A 409 -5.78 12.91 -28.97
CA PRO A 409 -5.31 12.10 -27.85
C PRO A 409 -6.30 12.00 -26.71
N GLN A 410 -6.55 10.78 -26.27
CA GLN A 410 -7.44 10.53 -25.15
C GLN A 410 -6.51 10.53 -23.93
N ALA A 411 -6.21 11.73 -23.43
CA ALA A 411 -5.32 11.90 -22.28
C ALA A 411 -5.33 13.37 -21.84
N LYS A 412 -5.09 13.63 -20.55
CA LYS A 412 -5.10 15.01 -20.06
C LYS A 412 -3.84 15.48 -19.32
N ASP A 413 -2.83 14.63 -19.22
CA ASP A 413 -1.61 14.96 -18.51
C ASP A 413 -0.40 15.05 -19.44
N VAL A 414 -0.67 15.19 -20.74
CA VAL A 414 0.38 15.25 -21.75
C VAL A 414 -0.06 16.20 -22.86
N VAL A 415 0.89 16.90 -23.47
CA VAL A 415 0.55 17.82 -24.55
C VAL A 415 0.96 17.28 -25.91
N VAL A 416 -0.04 17.07 -26.76
CA VAL A 416 0.16 16.57 -28.11
C VAL A 416 -0.33 17.62 -29.10
N ARG A 417 0.57 18.12 -29.94
CA ARG A 417 0.18 19.11 -30.93
C ARG A 417 1.22 19.24 -32.03
N GLU A 418 0.93 20.11 -33.00
CA GLU A 418 1.80 20.37 -34.14
C GLU A 418 3.26 19.90 -34.05
N GLY A 419 3.46 18.60 -34.23
CA GLY A 419 4.81 18.03 -34.20
C GLY A 419 5.56 18.01 -32.89
N GLU A 420 4.85 17.79 -31.78
CA GLU A 420 5.50 17.78 -30.48
C GLU A 420 4.59 17.33 -29.35
N VAL A 421 5.08 16.42 -28.53
CA VAL A 421 4.34 15.93 -27.37
C VAL A 421 5.15 16.35 -26.16
N ILE A 422 4.52 17.00 -25.19
CA ILE A 422 5.22 17.46 -23.99
C ILE A 422 4.80 16.71 -22.74
N PHE A 423 5.78 16.20 -22.01
CA PHE A 423 5.54 15.47 -20.77
C PHE A 423 5.87 16.26 -19.50
N PRO A 424 4.93 16.29 -18.54
CA PRO A 424 5.13 17.00 -17.27
C PRO A 424 6.16 16.30 -16.40
N ASP A 425 7.22 17.02 -16.06
CA ASP A 425 8.27 16.47 -15.24
C ASP A 425 8.05 16.77 -13.75
N LEU A 426 7.18 16.01 -13.11
CA LEU A 426 6.93 16.26 -11.70
C LEU A 426 8.01 15.77 -10.76
N ARG A 427 8.96 14.99 -11.25
CA ARG A 427 10.03 14.53 -10.39
C ARG A 427 10.89 15.76 -10.05
N THR A 428 11.12 16.62 -11.03
CA THR A 428 11.90 17.82 -10.81
C THR A 428 11.15 18.86 -9.98
N TYR A 429 9.86 19.02 -10.25
CA TYR A 429 9.05 19.96 -9.50
C TYR A 429 9.07 19.56 -8.01
N ILE A 430 8.87 18.28 -7.75
CA ILE A 430 8.86 17.75 -6.40
C ILE A 430 10.17 18.03 -5.65
N GLN A 431 11.30 17.67 -6.27
CA GLN A 431 12.61 17.90 -5.65
C GLN A 431 12.86 19.40 -5.52
N GLY A 432 12.43 20.17 -6.53
CA GLY A 432 12.61 21.61 -6.48
C GLY A 432 11.87 22.24 -5.34
N SER A 433 10.57 21.99 -5.25
CA SER A 433 9.76 22.56 -4.18
C SER A 433 10.05 21.87 -2.86
N GLY A 434 10.63 20.67 -2.94
CA GLY A 434 10.96 19.92 -1.74
C GLY A 434 11.97 20.66 -0.86
N ARG A 435 12.81 21.48 -1.47
CA ARG A 435 13.81 22.25 -0.74
C ARG A 435 13.20 23.39 0.07
N THR A 436 11.88 23.47 0.06
CA THR A 436 11.20 24.54 0.78
C THR A 436 10.44 24.04 2.01
N SER A 437 10.47 22.73 2.21
CA SER A 437 9.78 22.11 3.34
C SER A 437 10.69 21.00 3.84
N ARG A 438 11.05 21.05 5.12
CA ARG A 438 11.95 20.07 5.69
C ARG A 438 11.42 19.37 6.95
N LEU A 439 11.76 18.09 7.10
CA LEU A 439 11.30 17.30 8.25
C LEU A 439 12.30 17.39 9.39
N PHE A 440 11.80 17.61 10.60
CA PHE A 440 12.65 17.68 11.79
C PHE A 440 11.89 17.15 13.01
N ALA A 441 12.57 17.04 14.15
CA ALA A 441 11.96 16.53 15.36
C ALA A 441 10.63 17.20 15.68
N GLY A 442 10.41 18.38 15.11
CA GLY A 442 9.18 19.11 15.39
C GLY A 442 8.10 18.93 14.33
N GLY A 443 8.45 18.30 13.22
CA GLY A 443 7.48 18.07 12.16
C GLY A 443 7.98 18.42 10.77
N LEU A 444 7.11 19.04 9.98
CA LEU A 444 7.42 19.42 8.63
C LEU A 444 7.23 20.92 8.50
N THR A 445 8.29 21.65 8.17
CA THR A 445 8.17 23.09 8.03
C THR A 445 7.31 23.42 6.82
N LYS A 446 6.83 24.65 6.77
CA LYS A 446 5.98 25.10 5.67
C LYS A 446 6.77 25.70 4.51
N GLY A 447 6.41 25.29 3.30
CA GLY A 447 7.06 25.79 2.11
C GLY A 447 6.02 26.40 1.15
N ALA A 448 6.50 26.97 0.05
CA ALA A 448 5.64 27.59 -0.95
C ALA A 448 6.30 27.45 -2.30
N SER A 449 5.52 27.00 -3.29
CA SER A 449 6.04 26.83 -4.63
C SER A 449 5.13 27.53 -5.67
N PHE A 450 5.69 28.49 -6.39
CA PHE A 450 4.96 29.24 -7.41
C PHE A 450 5.33 28.75 -8.79
N LEU A 451 4.34 28.23 -9.52
CA LEU A 451 4.58 27.70 -10.87
C LEU A 451 3.95 28.61 -11.92
N LEU A 452 4.79 29.40 -12.59
CA LEU A 452 4.33 30.32 -13.63
C LEU A 452 4.64 29.76 -15.02
N GLU A 453 3.62 29.62 -15.84
CA GLU A 453 3.81 29.09 -17.19
C GLU A 453 2.86 29.78 -18.17
N ASP A 454 3.41 30.19 -19.32
CA ASP A 454 2.60 30.85 -20.34
C ASP A 454 1.71 29.85 -21.06
N ASP A 455 2.29 28.79 -21.59
CA ASP A 455 1.50 27.79 -22.29
C ASP A 455 0.40 27.32 -21.33
N SER A 456 -0.85 27.62 -21.67
CA SER A 456 -1.97 27.24 -20.82
C SER A 456 -2.23 25.73 -20.87
N GLU A 457 -2.00 25.14 -22.03
CA GLU A 457 -2.24 23.72 -22.18
C GLU A 457 -1.19 22.94 -21.40
N LEU A 458 0.07 23.39 -21.44
CA LEU A 458 1.12 22.69 -20.71
C LEU A 458 0.90 22.82 -19.21
N LEU A 459 0.48 24.00 -18.79
CA LEU A 459 0.23 24.26 -17.38
C LEU A 459 -0.87 23.32 -16.89
N SER A 460 -1.94 23.26 -17.67
CA SER A 460 -3.09 22.42 -17.38
C SER A 460 -2.68 20.93 -17.30
N ALA A 461 -1.90 20.49 -18.28
CA ALA A 461 -1.40 19.12 -18.34
C ALA A 461 -0.56 18.83 -17.10
N PHE A 462 0.09 19.87 -16.58
CA PHE A 462 0.92 19.73 -15.41
C PHE A 462 0.03 19.57 -14.18
N ILE A 463 -0.99 20.41 -14.09
CA ILE A 463 -1.92 20.36 -12.97
C ILE A 463 -2.53 18.97 -12.86
N GLU A 464 -2.82 18.40 -14.02
CA GLU A 464 -3.38 17.07 -14.07
C GLU A 464 -2.39 16.04 -13.59
N ARG A 465 -1.27 15.92 -14.30
CA ARG A 465 -0.26 14.94 -13.91
C ARG A 465 0.09 15.05 -12.41
N ALA A 466 0.02 16.26 -11.87
CA ALA A 466 0.33 16.50 -10.47
C ALA A 466 -0.70 15.93 -9.50
N LYS A 467 -1.94 15.80 -9.94
CA LYS A 467 -2.99 15.24 -9.07
C LYS A 467 -2.59 13.81 -8.73
N LEU A 468 -1.76 13.23 -9.59
CA LEU A 468 -1.31 11.87 -9.41
C LEU A 468 -0.44 11.69 -8.17
N TYR A 469 0.12 12.77 -7.66
CA TYR A 469 0.94 12.66 -6.46
C TYR A 469 0.16 13.22 -5.30
N ASP A 470 -1.17 13.10 -5.41
CA ASP A 470 -2.13 13.55 -4.40
C ASP A 470 -1.87 14.97 -4.00
N ILE A 471 -0.68 15.24 -3.47
CA ILE A 471 -0.36 16.61 -3.10
C ILE A 471 -0.36 17.27 -4.49
N GLU A 472 0.38 18.34 -4.66
CA GLU A 472 0.43 19.01 -5.95
C GLU A 472 -0.91 19.60 -6.34
N PHE A 473 -1.83 19.71 -5.39
CA PHE A 473 -3.11 20.35 -5.70
C PHE A 473 -2.67 21.82 -5.80
N LYS A 474 -2.95 22.46 -6.93
CA LYS A 474 -2.52 23.86 -7.12
C LYS A 474 -3.64 24.85 -6.90
N SER A 475 -3.33 25.99 -6.27
CA SER A 475 -4.31 27.05 -6.11
C SER A 475 -3.80 28.20 -6.97
N ILE A 476 -4.57 29.26 -7.13
CA ILE A 476 -4.08 30.40 -7.91
C ILE A 476 -4.45 31.70 -7.27
N ASP A 477 -3.47 32.30 -6.61
CA ASP A 477 -3.67 33.56 -5.94
C ASP A 477 -4.96 33.61 -5.12
N GLU A 478 -5.13 32.54 -4.35
CA GLU A 478 -6.22 32.37 -3.41
C GLU A 478 -5.34 32.29 -2.16
N VAL A 479 -4.13 32.81 -2.33
CA VAL A 479 -3.10 32.87 -1.31
C VAL A 479 -3.23 34.14 -0.48
N ASP A 480 -2.87 34.03 0.79
CA ASP A 480 -2.88 35.14 1.74
C ASP A 480 -1.42 35.36 2.05
N PHE A 481 -0.78 36.21 1.24
CA PHE A 481 0.64 36.50 1.40
C PHE A 481 1.12 36.87 2.80
N GLU A 482 0.33 37.64 3.55
CA GLU A 482 0.75 38.00 4.89
C GLU A 482 0.67 36.78 5.79
N LYS A 483 -0.41 36.02 5.65
CA LYS A 483 -0.58 34.81 6.46
C LYS A 483 0.51 33.80 6.08
N LEU A 484 0.76 33.67 4.78
CA LEU A 484 1.74 32.73 4.27
C LEU A 484 3.15 33.12 4.66
N SER A 485 3.45 34.42 4.58
CA SER A 485 4.78 34.92 4.92
C SER A 485 5.11 34.66 6.39
N ARG A 486 4.07 34.71 7.22
CA ARG A 486 4.18 34.50 8.65
C ARG A 486 4.51 33.04 8.98
N GLU A 487 3.70 32.11 8.46
CA GLU A 487 3.90 30.70 8.71
C GLU A 487 5.31 30.23 8.37
N LEU A 488 5.83 30.68 7.23
CA LEU A 488 7.17 30.28 6.83
C LEU A 488 8.21 30.68 7.86
N ASP A 489 7.97 31.78 8.54
CA ASP A 489 8.91 32.27 9.53
C ASP A 489 8.66 31.63 10.88
N GLU A 490 7.41 31.27 11.14
CA GLU A 490 7.07 30.66 12.42
C GLU A 490 7.54 29.22 12.45
N SER A 491 7.39 28.54 11.31
CA SER A 491 7.80 27.16 11.19
C SER A 491 9.33 27.04 11.19
N ARG A 492 10.01 28.11 10.79
CA ARG A 492 11.47 28.09 10.79
C ARG A 492 12.02 28.43 12.18
N ASP A 493 11.23 29.17 12.95
CA ASP A 493 11.65 29.49 14.31
C ASP A 493 11.56 28.16 15.08
N ARG A 494 10.53 27.38 14.79
CA ARG A 494 10.39 26.07 15.42
C ARG A 494 11.60 25.19 15.03
N TYR A 495 12.01 25.27 13.77
CA TYR A 495 13.15 24.49 13.30
C TYR A 495 14.45 24.89 14.04
N ARG A 496 14.68 26.19 14.22
CA ARG A 496 15.87 26.63 14.93
C ARG A 496 15.81 26.10 16.36
N ARG A 497 14.59 25.81 16.83
CA ARG A 497 14.36 25.29 18.17
C ARG A 497 14.16 23.77 18.13
N ARG A 498 14.54 23.14 17.02
CA ARG A 498 14.37 21.69 16.88
C ARG A 498 14.81 20.83 18.06
N GLN A 499 15.60 21.39 18.98
CA GLN A 499 16.07 20.65 20.15
C GLN A 499 15.01 20.60 21.25
N GLU A 500 13.93 21.35 21.06
CA GLU A 500 12.86 21.41 22.04
C GLU A 500 11.71 20.44 21.76
N PHE A 501 11.71 19.79 20.60
CA PHE A 501 10.63 18.87 20.25
C PHE A 501 11.03 17.42 20.08
N ASP A 502 10.02 16.56 20.13
CA ASP A 502 10.17 15.13 19.95
C ASP A 502 8.78 14.64 19.57
N LEU A 503 8.38 14.90 18.33
CA LEU A 503 7.07 14.52 17.85
C LEU A 503 7.05 13.30 16.91
N ILE A 504 8.12 13.10 16.15
CA ILE A 504 8.20 11.95 15.26
C ILE A 504 8.84 10.76 16.02
N LYS A 505 7.99 9.90 16.58
CA LYS A 505 8.46 8.76 17.35
C LYS A 505 8.40 7.44 16.59
N PRO A 506 9.16 6.44 17.06
CA PRO A 506 9.16 5.14 16.40
C PRO A 506 7.75 4.51 16.46
N ALA A 507 7.38 3.82 15.40
CA ALA A 507 6.07 3.16 15.36
C ALA A 507 6.16 1.95 14.44
N LEU A 508 5.80 0.79 14.96
CA LEU A 508 5.80 -0.42 14.15
C LEU A 508 4.41 -0.50 13.55
N PHE A 509 4.35 -0.49 12.22
CA PHE A 509 3.09 -0.54 11.47
C PHE A 509 3.04 -1.91 10.78
N ILE A 510 2.09 -2.75 11.20
CA ILE A 510 1.93 -4.11 10.67
C ILE A 510 0.71 -4.39 9.76
N VAL A 511 0.97 -4.93 8.58
CA VAL A 511 -0.06 -5.29 7.60
C VAL A 511 0.14 -6.78 7.30
N GLU A 512 -0.67 -7.38 6.42
CA GLU A 512 -0.50 -8.80 6.16
C GLU A 512 0.33 -9.20 4.95
N SER A 513 0.60 -8.29 4.01
CA SER A 513 1.37 -8.70 2.85
C SER A 513 2.50 -7.79 2.39
N PRO A 514 3.59 -8.39 1.90
CA PRO A 514 4.78 -7.68 1.41
C PRO A 514 4.43 -6.52 0.49
N THR A 515 3.66 -6.80 -0.58
CA THR A 515 3.24 -5.79 -1.54
C THR A 515 2.58 -4.61 -0.84
N LYS A 516 1.64 -4.93 0.04
CA LYS A 516 0.93 -3.91 0.78
C LYS A 516 1.98 -3.16 1.61
N ALA A 517 2.84 -3.89 2.33
CA ALA A 517 3.87 -3.26 3.14
C ALA A 517 4.78 -2.36 2.30
N ARG A 518 5.19 -2.84 1.14
CA ARG A 518 6.04 -2.07 0.25
C ARG A 518 5.31 -0.84 -0.28
N GLN A 519 4.10 -1.04 -0.76
CA GLN A 519 3.27 0.03 -1.30
C GLN A 519 3.07 1.18 -0.32
N ILE A 520 2.81 0.87 0.94
CA ILE A 520 2.60 1.93 1.91
C ILE A 520 3.86 2.75 2.16
N SER A 521 5.00 2.10 2.42
CA SER A 521 6.24 2.84 2.66
C SER A 521 6.58 3.73 1.46
N ARG A 522 6.27 3.27 0.24
CA ARG A 522 6.51 4.06 -0.96
C ARG A 522 5.68 5.37 -0.99
N PHE A 523 4.61 5.46 -0.20
CA PHE A 523 3.83 6.70 -0.21
C PHE A 523 4.68 7.83 0.39
N PHE A 524 5.72 7.47 1.13
CA PHE A 524 6.55 8.46 1.78
C PHE A 524 7.97 8.63 1.23
N GLY A 525 8.29 7.90 0.16
CA GLY A 525 9.60 8.02 -0.43
C GLY A 525 10.25 6.67 -0.64
N LYS A 526 11.58 6.64 -0.61
CA LYS A 526 12.36 5.42 -0.78
C LYS A 526 12.83 4.96 0.60
N PRO A 527 12.23 3.88 1.14
CA PRO A 527 12.59 3.36 2.46
C PRO A 527 13.83 2.47 2.50
N SER A 528 14.44 2.39 3.69
CA SER A 528 15.60 1.54 3.90
C SER A 528 15.05 0.15 4.24
N VAL A 529 15.91 -0.87 4.18
CA VAL A 529 15.49 -2.25 4.46
C VAL A 529 16.30 -2.97 5.54
N LYS A 530 15.59 -3.67 6.42
CA LYS A 530 16.22 -4.42 7.49
C LYS A 530 15.71 -5.86 7.48
N VAL A 531 16.58 -6.81 7.78
CA VAL A 531 16.16 -8.21 7.80
C VAL A 531 16.36 -8.79 9.19
N LEU A 532 15.26 -9.28 9.78
CA LEU A 532 15.30 -9.88 11.11
C LEU A 532 15.17 -11.39 10.99
N ASP A 533 15.70 -12.10 11.99
CA ASP A 533 15.69 -13.56 12.02
C ASP A 533 14.61 -14.26 11.18
N GLY A 534 13.51 -13.55 10.92
CA GLY A 534 12.45 -14.13 10.11
C GLY A 534 11.43 -13.10 9.68
N ALA A 535 11.88 -11.93 9.25
CA ALA A 535 10.98 -10.87 8.83
C ALA A 535 11.71 -9.72 8.17
N VAL A 536 11.05 -9.06 7.23
CA VAL A 536 11.60 -7.93 6.51
C VAL A 536 10.88 -6.65 6.93
N VAL A 537 11.63 -5.59 7.22
CA VAL A 537 11.00 -4.33 7.61
C VAL A 537 11.48 -3.15 6.79
N TYR A 538 10.56 -2.25 6.50
CA TYR A 538 10.89 -1.06 5.71
C TYR A 538 10.80 0.19 6.58
N GLU A 539 11.91 0.92 6.68
CA GLU A 539 11.92 2.12 7.49
C GLU A 539 11.87 3.37 6.66
N ILE A 540 11.02 4.30 7.07
CA ILE A 540 10.91 5.57 6.39
C ILE A 540 10.25 6.52 7.39
N PRO A 541 10.91 7.66 7.66
CA PRO A 541 10.38 8.65 8.60
C PRO A 541 9.40 9.57 7.89
N MET A 542 8.39 10.04 8.60
CA MET A 542 7.44 10.97 8.00
C MET A 542 6.92 11.95 9.05
N GLN A 543 5.97 12.79 8.69
CA GLN A 543 5.52 13.82 9.62
C GLN A 543 4.79 13.40 10.88
N LYS A 544 4.48 12.12 11.03
CA LYS A 544 3.80 11.69 12.25
C LYS A 544 4.64 10.68 13.03
N TYR A 545 5.28 9.78 12.29
CA TYR A 545 6.13 8.75 12.89
C TYR A 545 7.31 8.34 12.02
N VAL A 546 8.26 7.66 12.65
CA VAL A 546 9.36 7.08 11.90
C VAL A 546 8.74 5.69 11.76
N LEU A 547 8.18 5.43 10.60
CA LEU A 547 7.49 4.17 10.35
C LEU A 547 8.35 2.94 10.09
N MET A 548 8.08 1.88 10.85
CA MET A 548 8.76 0.61 10.66
C MET A 548 7.68 -0.35 10.15
N VAL A 549 7.50 -0.35 8.84
CA VAL A 549 6.47 -1.17 8.20
C VAL A 549 6.86 -2.62 7.94
N THR A 550 5.96 -3.54 8.28
CA THR A 550 6.21 -4.97 8.09
C THR A 550 4.95 -5.76 7.75
N ALA A 551 5.16 -6.96 7.21
CA ALA A 551 4.07 -7.86 6.85
C ALA A 551 4.07 -9.03 7.83
N SER A 552 2.88 -9.58 8.11
CA SER A 552 2.77 -10.72 9.03
C SER A 552 2.54 -11.99 8.24
N ILE A 553 2.41 -11.85 6.93
CA ILE A 553 2.16 -12.97 6.03
C ILE A 553 0.90 -13.70 6.49
N GLY A 554 -0.23 -12.99 6.47
CA GLY A 554 -1.50 -13.54 6.87
C GLY A 554 -1.63 -13.70 8.38
N HIS A 555 -2.26 -14.79 8.80
CA HIS A 555 -2.43 -15.05 10.23
C HIS A 555 -1.10 -15.43 10.88
N VAL A 556 -0.96 -15.12 12.17
CA VAL A 556 0.24 -15.45 12.90
C VAL A 556 0.11 -16.81 13.55
N VAL A 557 -1.14 -17.25 13.71
CA VAL A 557 -1.48 -18.55 14.30
C VAL A 557 -2.89 -18.91 13.88
N ASP A 558 -3.25 -20.18 14.07
CA ASP A 558 -4.59 -20.66 13.76
C ASP A 558 -5.01 -21.67 14.83
N LEU A 559 -6.24 -22.14 14.75
CA LEU A 559 -6.81 -23.10 15.68
C LEU A 559 -6.01 -24.41 15.67
N ILE A 560 -5.62 -24.90 16.85
CA ILE A 560 -4.84 -26.14 16.92
C ILE A 560 -5.73 -27.40 16.94
N THR A 561 -5.13 -28.52 16.59
CA THR A 561 -5.83 -29.80 16.53
C THR A 561 -5.49 -30.76 17.68
N ASN A 562 -4.23 -30.80 18.06
CA ASN A 562 -3.71 -31.67 19.11
C ASN A 562 -4.43 -31.72 20.47
N ARG A 563 -4.83 -30.57 21.00
CA ARG A 563 -5.45 -30.49 22.31
C ARG A 563 -6.96 -30.73 22.50
N GLY A 564 -7.65 -29.72 23.03
CA GLY A 564 -9.08 -29.82 23.30
C GLY A 564 -9.99 -30.44 22.24
N PHE A 565 -11.29 -30.21 22.38
CA PHE A 565 -12.27 -30.73 21.43
C PHE A 565 -12.02 -30.08 20.06
N HIS A 566 -11.01 -30.60 19.37
CA HIS A 566 -10.59 -30.11 18.06
C HIS A 566 -10.03 -28.69 18.17
N GLY A 567 -9.31 -28.46 19.27
CA GLY A 567 -8.70 -27.17 19.51
C GLY A 567 -9.60 -26.17 20.20
N VAL A 568 -10.30 -26.58 21.26
CA VAL A 568 -11.20 -25.68 21.96
C VAL A 568 -11.20 -25.81 23.49
N LEU A 569 -10.79 -26.95 24.02
CA LEU A 569 -10.78 -27.15 25.48
C LEU A 569 -12.15 -26.87 26.08
N VAL A 570 -13.02 -27.87 26.08
CA VAL A 570 -14.36 -27.72 26.62
C VAL A 570 -14.48 -28.07 28.11
N ASN A 571 -15.67 -28.52 28.52
CA ASN A 571 -15.98 -28.94 29.89
C ASN A 571 -16.49 -27.81 30.78
N GLY A 572 -17.36 -26.97 30.24
CA GLY A 572 -17.92 -25.87 31.00
C GLY A 572 -17.03 -24.64 31.09
N ARG A 573 -16.41 -24.28 29.97
CA ARG A 573 -15.51 -23.13 29.94
C ARG A 573 -15.28 -22.59 28.53
N PHE A 574 -14.94 -23.48 27.60
CA PHE A 574 -14.67 -23.08 26.22
C PHE A 574 -13.50 -22.11 26.08
N VAL A 575 -12.35 -22.64 25.71
CA VAL A 575 -11.15 -21.83 25.52
C VAL A 575 -10.35 -22.31 24.32
N PRO A 576 -10.40 -21.56 23.20
CA PRO A 576 -9.66 -21.97 22.02
C PRO A 576 -8.17 -21.94 22.32
N VAL A 577 -7.39 -22.71 21.55
CA VAL A 577 -5.96 -22.75 21.71
C VAL A 577 -5.33 -22.54 20.34
N TYR A 578 -4.29 -21.71 20.28
CA TYR A 578 -3.60 -21.41 19.03
C TYR A 578 -2.14 -21.83 18.98
N ALA A 579 -1.58 -21.88 17.77
CA ALA A 579 -0.20 -22.27 17.58
C ALA A 579 0.29 -21.74 16.22
N SER A 580 1.55 -21.32 16.16
CA SER A 580 2.11 -20.77 14.91
C SER A 580 1.81 -21.63 13.68
N ILE A 581 1.30 -20.99 12.64
CA ILE A 581 0.96 -21.67 11.41
C ILE A 581 2.23 -22.12 10.70
N LYS A 582 2.11 -23.17 9.89
CA LYS A 582 3.22 -23.73 9.12
C LYS A 582 4.52 -23.79 9.91
N ASP A 607 10.06 -23.27 8.19
CA ASP A 607 9.75 -21.86 8.43
C ASP A 607 8.32 -21.67 8.91
N ASN A 608 8.15 -20.89 9.98
CA ASN A 608 6.82 -20.66 10.51
C ASN A 608 6.68 -19.32 11.24
N SER A 609 5.43 -19.01 11.58
CA SER A 609 5.09 -17.76 12.26
C SER A 609 5.82 -17.51 13.58
N ARG A 610 6.27 -18.58 14.25
CA ARG A 610 6.97 -18.41 15.51
C ARG A 610 8.12 -17.40 15.40
N SER A 611 8.88 -17.50 14.30
CA SER A 611 9.98 -16.57 14.09
C SER A 611 9.42 -15.18 13.83
N ARG A 612 8.44 -15.10 12.93
CA ARG A 612 7.77 -13.84 12.59
C ARG A 612 7.41 -13.15 13.90
N ILE A 613 6.99 -13.93 14.89
CA ILE A 613 6.60 -13.43 16.20
C ILE A 613 7.79 -12.99 17.05
N GLU A 614 8.92 -13.64 16.87
CA GLU A 614 10.12 -13.29 17.63
C GLU A 614 10.58 -11.92 17.09
N ALA A 615 10.62 -11.81 15.78
CA ALA A 615 11.02 -10.57 15.13
C ALA A 615 10.07 -9.44 15.50
N LEU A 616 8.77 -9.71 15.45
CA LEU A 616 7.75 -8.71 15.78
C LEU A 616 7.84 -8.27 17.22
N ARG A 617 8.16 -9.20 18.10
CA ARG A 617 8.27 -8.89 19.52
C ARG A 617 9.44 -7.94 19.76
N LYS A 618 10.55 -8.19 19.10
CA LYS A 618 11.74 -7.36 19.24
C LYS A 618 11.48 -5.96 18.67
N LEU A 619 10.79 -5.92 17.53
CA LEU A 619 10.45 -4.65 16.90
C LEU A 619 9.47 -3.85 17.76
N ALA A 620 8.57 -4.54 18.42
CA ALA A 620 7.59 -3.90 19.27
C ALA A 620 8.28 -3.37 20.53
N HIS A 621 9.25 -4.14 21.03
CA HIS A 621 10.02 -3.77 22.23
C HIS A 621 10.86 -2.52 21.96
N ASP A 622 11.32 -2.39 20.72
CA ASP A 622 12.13 -1.24 20.32
C ASP A 622 11.29 0.00 20.07
N ALA A 623 10.14 -0.20 19.44
CA ALA A 623 9.23 0.90 19.13
C ALA A 623 8.47 1.38 20.35
N GLU A 624 7.97 0.40 21.11
CA GLU A 624 7.17 0.67 22.30
C GLU A 624 5.79 1.16 21.87
N PHE A 625 5.55 1.18 20.56
CA PHE A 625 4.30 1.63 19.98
C PHE A 625 4.02 0.87 18.68
N VAL A 626 2.94 0.10 18.65
CA VAL A 626 2.60 -0.68 17.46
C VAL A 626 1.25 -0.27 16.87
N ILE A 627 1.17 -0.24 15.54
CA ILE A 627 -0.06 0.09 14.87
C ILE A 627 -0.34 -1.07 13.93
N VAL A 628 -1.55 -1.63 14.02
CA VAL A 628 -1.93 -2.76 13.17
C VAL A 628 -2.88 -2.32 12.07
N GLY A 629 -2.40 -2.38 10.83
CA GLY A 629 -3.23 -1.98 9.71
C GLY A 629 -3.65 -3.11 8.80
N THR A 630 -4.15 -4.19 9.37
CA THR A 630 -4.64 -5.33 8.59
C THR A 630 -5.98 -4.99 7.96
N ASP A 631 -6.38 -5.74 6.93
CA ASP A 631 -7.64 -5.51 6.24
C ASP A 631 -8.77 -5.18 7.21
N PRO A 632 -9.70 -4.30 6.82
CA PRO A 632 -10.80 -3.94 7.72
C PRO A 632 -11.98 -4.91 7.79
N ASP A 633 -11.81 -6.01 8.53
CA ASP A 633 -12.87 -7.00 8.70
C ASP A 633 -12.56 -7.94 9.86
N THR A 634 -13.49 -8.83 10.21
CA THR A 634 -13.28 -9.78 11.32
C THR A 634 -11.94 -10.48 11.29
N GLU A 635 -11.52 -10.93 10.11
CA GLU A 635 -10.21 -11.60 9.98
C GLU A 635 -9.11 -10.62 10.39
N GLY A 636 -9.04 -9.49 9.68
CA GLY A 636 -8.05 -8.49 9.98
C GLY A 636 -8.09 -8.09 11.44
N GLU A 637 -9.28 -8.08 12.03
CA GLU A 637 -9.39 -7.73 13.43
C GLU A 637 -8.86 -8.86 14.31
N LYS A 638 -9.09 -10.09 13.88
CA LYS A 638 -8.61 -11.24 14.62
C LYS A 638 -7.09 -11.20 14.68
N ILE A 639 -6.46 -10.98 13.51
CA ILE A 639 -5.01 -10.92 13.45
C ILE A 639 -4.50 -9.84 14.41
N ALA A 640 -5.02 -8.61 14.26
CA ALA A 640 -4.64 -7.49 15.12
C ALA A 640 -4.82 -7.81 16.60
N TRP A 641 -5.84 -8.59 16.92
CA TRP A 641 -6.11 -8.96 18.30
C TRP A 641 -5.05 -9.97 18.76
N ASP A 642 -4.68 -10.90 17.88
CA ASP A 642 -3.65 -11.89 18.19
C ASP A 642 -2.36 -11.15 18.50
N LEU A 643 -1.95 -10.32 17.55
CA LEU A 643 -0.75 -9.51 17.69
C LEU A 643 -0.81 -8.70 18.97
N LYS A 644 -1.99 -8.21 19.32
CA LYS A 644 -2.13 -7.43 20.55
C LYS A 644 -1.75 -8.33 21.72
N ASN A 645 -2.19 -9.58 21.66
CA ASN A 645 -1.89 -10.53 22.72
C ASN A 645 -0.44 -10.98 22.73
N LEU A 646 0.13 -11.22 21.55
CA LEU A 646 1.51 -11.68 21.47
C LEU A 646 2.57 -10.61 21.76
N LEU A 647 2.20 -9.34 21.60
CA LEU A 647 3.14 -8.26 21.82
C LEU A 647 2.77 -7.40 23.01
N SER A 648 1.71 -7.76 23.70
CA SER A 648 1.33 -6.93 24.83
C SER A 648 2.43 -6.97 25.87
N GLY A 649 2.71 -5.83 26.47
CA GLY A 649 3.77 -5.76 27.45
C GLY A 649 4.96 -5.02 26.85
N CYS A 650 4.95 -4.87 25.53
CA CYS A 650 6.01 -4.18 24.84
C CYS A 650 5.67 -2.71 24.67
N GLY A 651 4.37 -2.41 24.65
CA GLY A 651 3.93 -1.04 24.48
C GLY A 651 2.50 -0.98 23.97
N ALA A 652 2.02 0.22 23.67
CA ALA A 652 0.66 0.39 23.19
C ALA A 652 0.45 -0.22 21.81
N VAL A 653 -0.68 -0.92 21.65
CA VAL A 653 -1.02 -1.55 20.38
C VAL A 653 -2.38 -1.08 19.88
N LYS A 654 -2.38 -0.14 18.94
CA LYS A 654 -3.60 0.44 18.38
C LYS A 654 -3.92 -0.10 17.00
N ARG A 655 -5.16 0.10 16.56
CA ARG A 655 -5.60 -0.37 15.26
C ARG A 655 -5.76 0.83 14.34
N ALA A 656 -5.35 0.64 13.09
CA ALA A 656 -5.47 1.65 12.06
C ALA A 656 -6.43 1.03 11.04
N GLU A 657 -7.55 1.71 10.79
CA GLU A 657 -8.55 1.21 9.85
C GLU A 657 -8.60 2.01 8.56
N PHE A 658 -8.26 1.36 7.45
CA PHE A 658 -8.33 2.05 6.17
C PHE A 658 -8.93 1.11 5.14
N HIS A 659 -9.84 1.67 4.34
CA HIS A 659 -10.51 0.89 3.33
C HIS A 659 -9.88 0.99 1.96
N GLU A 660 -8.68 1.53 1.91
CA GLU A 660 -7.96 1.63 0.65
C GLU A 660 -6.50 1.85 0.95
N VAL A 661 -5.64 1.26 0.13
CA VAL A 661 -4.21 1.36 0.34
C VAL A 661 -3.68 2.55 -0.43
N THR A 662 -3.91 3.74 0.12
CA THR A 662 -3.50 4.99 -0.49
C THR A 662 -2.93 5.92 0.58
N ARG A 663 -1.99 6.78 0.18
CA ARG A 663 -1.34 7.72 1.08
C ARG A 663 -2.36 8.56 1.85
N ARG A 664 -3.44 8.96 1.19
CA ARG A 664 -4.47 9.75 1.85
C ARG A 664 -5.22 8.90 2.88
N ALA A 665 -5.47 7.63 2.56
CA ALA A 665 -6.18 6.76 3.48
C ALA A 665 -5.29 6.55 4.70
N ILE A 666 -4.02 6.23 4.47
CA ILE A 666 -3.14 6.03 5.61
C ILE A 666 -3.10 7.24 6.55
N LEU A 667 -2.94 8.45 6.02
CA LEU A 667 -2.90 9.66 6.85
C LEU A 667 -4.19 9.83 7.64
N GLU A 668 -5.33 9.65 6.97
CA GLU A 668 -6.59 9.74 7.68
C GLU A 668 -6.57 8.71 8.82
N ALA A 669 -6.13 7.48 8.51
CA ALA A 669 -6.08 6.42 9.50
C ALA A 669 -5.16 6.71 10.68
N LEU A 670 -3.97 7.24 10.44
CA LEU A 670 -3.08 7.54 11.56
C LEU A 670 -3.72 8.65 12.40
N GLU A 671 -4.69 9.32 11.80
CA GLU A 671 -5.39 10.41 12.46
C GLU A 671 -6.59 9.90 13.23
N SER A 672 -6.92 8.62 13.02
CA SER A 672 -8.07 8.01 13.68
C SER A 672 -7.74 6.67 14.33
N LEU A 673 -6.65 6.60 15.08
CA LEU A 673 -6.31 5.34 15.71
C LEU A 673 -7.42 4.93 16.70
N ARG A 674 -7.73 3.64 16.71
CA ARG A 674 -8.75 3.12 17.62
C ARG A 674 -8.20 1.86 18.26
N ASP A 675 -9.02 1.23 19.08
CA ASP A 675 -8.59 0.01 19.71
C ASP A 675 -9.22 -1.17 18.98
N VAL A 676 -8.70 -2.37 19.26
CA VAL A 676 -9.23 -3.57 18.62
C VAL A 676 -10.68 -3.75 19.07
N ASP A 677 -11.56 -4.04 18.11
CA ASP A 677 -12.97 -4.27 18.42
C ASP A 677 -13.16 -5.75 18.83
N GLU A 678 -13.42 -5.97 20.12
CA GLU A 678 -13.63 -7.31 20.68
C GLU A 678 -14.85 -8.03 20.08
N ASN A 679 -15.88 -7.28 19.68
CA ASN A 679 -17.10 -7.86 19.10
C ASN A 679 -16.77 -8.52 17.79
N LEU A 680 -15.99 -7.83 16.94
CA LEU A 680 -15.59 -8.40 15.66
C LEU A 680 -14.74 -9.65 15.84
N VAL A 681 -13.87 -9.64 16.84
CA VAL A 681 -13.00 -10.78 17.10
C VAL A 681 -13.77 -11.99 17.61
N LYS A 682 -14.77 -11.77 18.46
CA LYS A 682 -15.58 -12.88 18.97
C LYS A 682 -16.38 -13.46 17.83
N ALA A 683 -16.76 -12.63 16.87
CA ALA A 683 -17.52 -13.09 15.72
C ALA A 683 -16.65 -14.10 14.98
N GLN A 684 -15.51 -13.63 14.50
CA GLN A 684 -14.55 -14.44 13.75
C GLN A 684 -14.22 -15.75 14.47
N VAL A 685 -13.98 -15.67 15.78
CA VAL A 685 -13.64 -16.85 16.55
C VAL A 685 -14.74 -17.89 16.53
N VAL A 686 -15.97 -17.46 16.81
CA VAL A 686 -17.13 -18.36 16.81
C VAL A 686 -17.34 -19.01 15.43
N ARG A 687 -17.15 -18.22 14.39
CA ARG A 687 -17.32 -18.71 13.03
C ARG A 687 -16.21 -19.71 12.69
N ARG A 688 -15.07 -19.57 13.37
CA ARG A 688 -13.96 -20.47 13.12
C ARG A 688 -14.18 -21.81 13.82
N ILE A 689 -14.85 -21.77 14.97
CA ILE A 689 -15.16 -22.97 15.73
C ILE A 689 -16.30 -23.69 15.00
N GLU A 690 -17.32 -22.91 14.63
CA GLU A 690 -18.46 -23.45 13.91
C GLU A 690 -17.96 -24.17 12.67
N ASP A 691 -16.90 -23.61 12.10
CA ASP A 691 -16.29 -24.16 10.90
C ASP A 691 -15.54 -25.47 11.20
N ARG A 692 -14.83 -25.51 12.32
CA ARG A 692 -14.08 -26.70 12.68
C ARG A 692 -14.93 -27.82 13.28
N TRP A 693 -15.95 -27.47 14.06
CA TRP A 693 -16.81 -28.46 14.67
C TRP A 693 -17.75 -29.16 13.67
N ILE A 694 -18.84 -28.49 13.31
CA ILE A 694 -19.78 -29.07 12.36
C ILE A 694 -18.99 -29.67 11.21
N GLY A 695 -18.06 -28.89 10.68
CA GLY A 695 -17.26 -29.37 9.57
C GLY A 695 -16.73 -30.76 9.82
N PHE A 696 -15.88 -30.92 10.84
CA PHE A 696 -15.28 -32.20 11.17
C PHE A 696 -16.30 -33.29 11.52
N VAL A 697 -17.43 -32.90 12.11
CA VAL A 697 -18.47 -33.86 12.48
C VAL A 697 -19.08 -34.46 11.23
N LEU A 698 -19.64 -33.60 10.38
CA LEU A 698 -20.27 -34.06 9.16
C LEU A 698 -19.26 -34.85 8.33
N SER A 699 -18.14 -34.21 8.01
CA SER A 699 -17.10 -34.87 7.21
C SER A 699 -16.77 -36.23 7.80
N GLN A 700 -16.94 -36.38 9.11
CA GLN A 700 -16.67 -37.63 9.79
C GLN A 700 -17.70 -38.67 9.34
N LYS A 701 -18.98 -38.32 9.48
CA LYS A 701 -20.07 -39.21 9.08
C LYS A 701 -19.98 -39.53 7.60
N LEU A 702 -19.15 -38.77 6.88
CA LEU A 702 -18.97 -38.99 5.45
C LEU A 702 -17.81 -39.93 5.18
N TRP A 703 -16.87 -40.00 6.11
CA TRP A 703 -15.73 -40.89 5.96
C TRP A 703 -16.15 -42.30 6.39
N GLU A 704 -17.17 -42.37 7.24
CA GLU A 704 -17.69 -43.66 7.71
C GLU A 704 -18.43 -44.30 6.53
N ARG A 705 -19.41 -43.57 6.00
CA ARG A 705 -20.17 -44.03 4.83
C ARG A 705 -19.20 -43.78 3.68
N PHE A 706 -19.43 -44.39 2.53
CA PHE A 706 -18.52 -44.20 1.40
C PHE A 706 -17.11 -44.29 1.93
N ASN A 707 -16.91 -45.08 2.98
CA ASN A 707 -15.61 -45.23 3.63
C ASN A 707 -14.51 -44.69 2.74
N ASN A 708 -14.09 -43.46 3.05
CA ASN A 708 -13.06 -42.76 2.30
C ASN A 708 -12.87 -41.40 2.94
N ARG A 709 -11.63 -41.03 3.22
CA ARG A 709 -11.37 -39.72 3.77
C ARG A 709 -11.57 -38.82 2.56
N ASN A 710 -10.79 -37.75 2.42
CA ASN A 710 -10.94 -36.88 1.27
C ASN A 710 -12.34 -36.26 1.13
N LEU A 711 -13.27 -36.70 1.98
CA LEU A 711 -14.63 -36.17 1.93
C LEU A 711 -14.84 -35.11 3.00
N SER A 712 -15.40 -33.97 2.59
CA SER A 712 -15.66 -32.88 3.52
C SER A 712 -17.09 -32.37 3.41
N ALA A 713 -17.59 -31.80 4.50
CA ALA A 713 -18.94 -31.25 4.54
C ALA A 713 -18.99 -29.90 5.25
N GLY A 714 -20.09 -29.18 5.05
CA GLY A 714 -20.27 -27.87 5.68
C GLY A 714 -21.73 -27.45 5.62
N ARG A 715 -22.22 -26.77 6.66
CA ARG A 715 -23.62 -26.34 6.70
C ARG A 715 -23.84 -25.05 5.92
N ALA A 716 -23.72 -25.16 4.61
CA ALA A 716 -23.89 -24.05 3.67
C ALA A 716 -23.37 -24.67 2.40
N GLN A 717 -22.31 -25.45 2.53
CA GLN A 717 -21.75 -26.20 1.40
C GLN A 717 -22.83 -27.19 0.96
N THR A 718 -23.43 -27.86 1.95
CA THR A 718 -24.48 -28.83 1.67
C THR A 718 -25.68 -28.09 1.09
N LEU A 719 -26.10 -27.04 1.78
CA LEU A 719 -27.24 -26.26 1.35
C LEU A 719 -27.12 -25.83 -0.12
N VAL A 720 -25.96 -25.32 -0.51
CA VAL A 720 -25.74 -24.89 -1.89
C VAL A 720 -25.66 -26.07 -2.86
N LEU A 721 -24.92 -27.11 -2.47
CA LEU A 721 -24.78 -28.30 -3.31
C LEU A 721 -26.18 -28.77 -3.67
N GLY A 722 -27.05 -28.77 -2.67
CA GLY A 722 -28.44 -29.16 -2.88
C GLY A 722 -29.06 -28.34 -3.99
N TRP A 723 -28.90 -27.01 -3.93
CA TRP A 723 -29.44 -26.13 -4.96
C TRP A 723 -28.93 -26.44 -6.36
N ILE A 724 -27.64 -26.77 -6.47
CA ILE A 724 -27.06 -27.09 -7.77
C ILE A 724 -27.69 -28.38 -8.29
N ILE A 725 -27.97 -29.29 -7.37
CA ILE A 725 -28.58 -30.57 -7.69
C ILE A 725 -30.03 -30.35 -8.11
N ASP A 726 -30.85 -29.89 -7.16
CA ASP A 726 -32.28 -29.66 -7.38
C ASP A 726 -32.55 -28.51 -8.32
N ARG A 727 -31.78 -28.45 -9.40
CA ARG A 727 -31.87 -27.41 -10.41
C ARG A 727 -31.35 -28.08 -11.67
N PHE A 728 -30.36 -28.95 -11.48
CA PHE A 728 -29.80 -29.71 -12.57
C PHE A 728 -30.90 -30.66 -13.04
N GLN A 729 -31.63 -31.22 -12.07
CA GLN A 729 -32.72 -32.11 -12.41
C GLN A 729 -33.74 -31.37 -13.26
N GLU A 730 -34.05 -30.14 -12.84
CA GLU A 730 -34.98 -29.30 -13.58
C GLU A 730 -34.48 -29.07 -15.01
N SER A 731 -33.17 -29.12 -15.21
CA SER A 731 -32.59 -28.91 -16.54
C SER A 731 -32.81 -30.12 -17.42
N ARG A 732 -33.44 -31.14 -16.87
CA ARG A 732 -33.69 -32.36 -17.61
C ARG A 732 -35.08 -32.44 -18.20
N GLU A 733 -35.95 -31.51 -17.81
CA GLU A 733 -37.29 -31.44 -18.37
C GLU A 733 -37.13 -30.64 -19.65
N ARG A 734 -38.04 -30.79 -20.60
CA ARG A 734 -37.90 -30.05 -21.84
C ARG A 734 -39.18 -29.48 -22.38
N ARG A 735 -39.08 -28.25 -22.87
CA ARG A 735 -40.21 -27.52 -23.43
C ARG A 735 -39.93 -27.29 -24.91
N LYS A 736 -40.99 -27.03 -25.68
CA LYS A 736 -40.87 -26.79 -27.10
C LYS A 736 -40.60 -25.31 -27.34
N ILE A 737 -39.64 -24.98 -28.20
CA ILE A 737 -39.36 -23.58 -28.52
C ILE A 737 -39.25 -23.43 -30.02
N ALA A 738 -39.50 -22.23 -30.50
CA ALA A 738 -39.44 -21.99 -31.94
C ALA A 738 -38.73 -20.68 -32.27
N ILE A 739 -37.60 -20.75 -32.94
CA ILE A 739 -36.85 -19.56 -33.31
C ILE A 739 -37.30 -19.03 -34.67
N VAL A 740 -38.25 -18.10 -34.66
CA VAL A 740 -38.73 -17.51 -35.91
C VAL A 740 -37.58 -16.83 -36.64
N ARG A 741 -37.17 -17.42 -37.76
CA ARG A 741 -36.08 -16.89 -38.56
C ARG A 741 -36.37 -15.50 -39.15
N ASP A 742 -35.46 -14.57 -38.89
CA ASP A 742 -35.52 -13.18 -39.38
C ASP A 742 -36.32 -12.20 -38.53
N PHE A 743 -36.86 -12.63 -37.40
CA PHE A 743 -37.64 -11.73 -36.55
C PHE A 743 -37.06 -11.47 -35.17
N ASP A 744 -35.94 -12.12 -34.85
CA ASP A 744 -35.33 -11.96 -33.52
C ASP A 744 -36.41 -12.29 -32.49
N LEU A 745 -37.11 -13.39 -32.75
CA LEU A 745 -38.22 -13.83 -31.90
C LEU A 745 -38.13 -15.32 -31.59
N VAL A 746 -38.37 -15.66 -30.32
CA VAL A 746 -38.36 -17.06 -29.89
C VAL A 746 -39.66 -17.31 -29.13
N LEU A 747 -40.38 -18.37 -29.48
CA LEU A 747 -41.64 -18.68 -28.83
C LEU A 747 -41.85 -20.16 -28.52
N GLU A 748 -42.73 -20.44 -27.56
CA GLU A 748 -43.04 -21.82 -27.19
C GLU A 748 -44.10 -22.39 -28.12
N HIS A 749 -43.64 -22.92 -29.25
CA HIS A 749 -44.52 -23.47 -30.25
C HIS A 749 -43.95 -24.79 -30.79
N ASP A 750 -44.70 -25.43 -31.70
CA ASP A 750 -44.29 -26.70 -32.31
C ASP A 750 -43.83 -26.60 -33.75
N GLU A 751 -44.77 -26.29 -34.65
CA GLU A 751 -44.51 -26.18 -36.08
C GLU A 751 -43.28 -25.36 -36.45
N GLU A 752 -42.85 -25.51 -37.69
CA GLU A 752 -41.68 -24.79 -38.20
C GLU A 752 -42.11 -23.81 -39.30
N GLU A 753 -43.39 -23.87 -39.64
CA GLU A 753 -43.98 -22.99 -40.65
C GLU A 753 -45.35 -22.55 -40.15
N PHE A 754 -45.58 -21.25 -40.10
CA PHE A 754 -46.84 -20.72 -39.62
C PHE A 754 -46.96 -19.23 -39.91
N ASP A 755 -48.16 -18.70 -39.75
CA ASP A 755 -48.41 -17.28 -39.98
C ASP A 755 -48.62 -16.63 -38.62
N LEU A 756 -48.00 -15.48 -38.40
CA LEU A 756 -48.14 -14.79 -37.13
C LEU A 756 -48.49 -13.30 -37.28
N THR A 757 -49.26 -12.78 -36.32
CA THR A 757 -49.68 -11.38 -36.32
C THR A 757 -48.96 -10.59 -35.23
N ILE A 758 -48.13 -9.63 -35.66
CA ILE A 758 -47.37 -8.80 -34.72
C ILE A 758 -47.77 -7.32 -34.78
N LYS A 759 -47.88 -6.68 -33.63
CA LYS A 759 -48.25 -5.27 -33.58
C LYS A 759 -48.04 -4.61 -32.22
N LEU A 760 -48.08 -3.29 -32.21
CA LEU A 760 -47.90 -2.48 -31.01
C LEU A 760 -48.93 -2.83 -29.94
N VAL A 761 -48.79 -2.21 -28.77
CA VAL A 761 -49.69 -2.41 -27.64
C VAL A 761 -49.46 -1.23 -26.70
N GLU A 762 -48.27 -0.65 -26.84
CA GLU A 762 -47.84 0.52 -26.06
C GLU A 762 -46.37 0.75 -26.35
N GLU A 763 -45.95 2.00 -26.22
CA GLU A 763 -44.57 2.36 -26.44
C GLU A 763 -44.31 3.55 -25.54
N ARG A 764 -43.07 3.68 -25.07
CA ARG A 764 -42.75 4.78 -24.18
C ARG A 764 -41.26 4.90 -23.93
N GLU A 765 -40.87 6.07 -23.44
CA GLU A 765 -39.49 6.33 -23.12
C GLU A 765 -39.41 6.25 -21.61
N GLU A 766 -38.23 5.94 -21.10
CA GLU A 766 -38.06 5.83 -19.66
C GLU A 766 -36.67 6.30 -19.20
N LEU A 767 -36.66 7.03 -18.09
CA LEU A 767 -35.42 7.51 -17.50
C LEU A 767 -35.07 6.48 -16.47
N ARG A 768 -33.90 5.86 -16.60
CA ARG A 768 -33.50 4.86 -15.64
C ARG A 768 -32.27 5.29 -14.85
N THR A 769 -32.28 4.97 -13.56
CA THR A 769 -31.15 5.27 -12.70
C THR A 769 -30.21 4.09 -12.86
N PRO A 770 -28.90 4.35 -13.01
CA PRO A 770 -27.92 3.27 -13.18
C PRO A 770 -27.89 2.36 -11.95
N LEU A 771 -27.21 1.23 -12.07
CA LEU A 771 -27.12 0.29 -10.96
C LEU A 771 -26.14 0.81 -9.90
N PRO A 772 -26.29 0.33 -8.64
CA PRO A 772 -25.42 0.74 -7.53
C PRO A 772 -24.00 0.29 -7.83
N PRO A 773 -23.03 0.68 -6.98
CA PRO A 773 -21.67 0.24 -7.28
C PRO A 773 -21.50 -1.22 -6.82
N TYR A 774 -20.41 -1.86 -7.24
CA TYR A 774 -20.14 -3.24 -6.88
C TYR A 774 -20.05 -3.56 -5.39
N THR A 775 -20.46 -4.77 -5.05
CA THR A 775 -20.33 -5.29 -3.69
C THR A 775 -19.51 -6.52 -4.04
N THR A 776 -19.06 -7.27 -3.05
CA THR A 776 -18.33 -8.48 -3.36
C THR A 776 -19.24 -9.36 -4.22
N GLU A 777 -20.54 -9.33 -3.91
CA GLU A 777 -21.55 -10.08 -4.62
C GLU A 777 -21.72 -9.74 -6.10
N THR A 778 -22.15 -8.52 -6.39
CA THR A 778 -22.34 -8.11 -7.77
C THR A 778 -21.08 -8.17 -8.61
N MET A 779 -19.92 -7.95 -7.98
CA MET A 779 -18.67 -8.00 -8.71
C MET A 779 -18.32 -9.44 -9.08
N LEU A 780 -18.59 -10.36 -8.16
CA LEU A 780 -18.32 -11.77 -8.43
C LEU A 780 -19.24 -12.20 -9.56
N SER A 781 -20.49 -11.75 -9.53
CA SER A 781 -21.41 -12.13 -10.57
C SER A 781 -21.03 -11.57 -11.93
N ASP A 782 -20.76 -10.27 -12.01
CA ASP A 782 -20.38 -9.67 -13.28
C ASP A 782 -19.12 -10.30 -13.84
N ALA A 783 -18.10 -10.41 -13.00
CA ALA A 783 -16.83 -10.99 -13.42
C ALA A 783 -16.99 -12.39 -14.03
N ASN A 784 -18.03 -13.10 -13.62
CA ASN A 784 -18.28 -14.44 -14.14
C ASN A 784 -19.09 -14.40 -15.43
N ARG A 785 -20.04 -13.47 -15.48
CA ARG A 785 -20.89 -13.29 -16.66
C ARG A 785 -20.14 -12.63 -17.83
N ILE A 786 -19.48 -11.49 -17.57
CA ILE A 786 -18.75 -10.75 -18.60
C ILE A 786 -17.45 -11.45 -18.92
N LEU A 787 -16.65 -11.64 -17.88
CA LEU A 787 -15.37 -12.32 -18.00
C LEU A 787 -15.73 -13.72 -17.52
N LYS A 788 -15.05 -14.74 -17.99
CA LYS A 788 -15.39 -16.09 -17.54
C LYS A 788 -14.58 -16.48 -16.31
N PHE A 789 -14.41 -15.52 -15.40
CA PHE A 789 -13.68 -15.74 -14.17
C PHE A 789 -14.47 -16.62 -13.21
N SER A 790 -13.77 -17.42 -12.43
CA SER A 790 -14.42 -18.25 -11.44
C SER A 790 -14.36 -17.34 -10.21
N VAL A 791 -15.21 -17.61 -9.23
CA VAL A 791 -15.27 -16.80 -8.01
C VAL A 791 -13.94 -16.68 -7.29
N LYS A 792 -13.27 -17.81 -7.08
CA LYS A 792 -12.00 -17.81 -6.36
C LYS A 792 -10.99 -16.93 -7.07
N GLN A 793 -10.95 -17.07 -8.38
CA GLN A 793 -10.03 -16.32 -9.22
C GLN A 793 -10.33 -14.82 -9.19
N THR A 794 -11.60 -14.47 -9.06
CA THR A 794 -12.00 -13.07 -9.03
C THR A 794 -11.55 -12.41 -7.74
N MET A 795 -11.71 -13.12 -6.64
CA MET A 795 -11.33 -12.60 -5.33
C MET A 795 -9.81 -12.42 -5.24
N GLN A 796 -9.08 -13.27 -5.94
CA GLN A 796 -7.62 -13.20 -5.93
C GLN A 796 -7.16 -11.98 -6.68
N ILE A 797 -7.80 -11.73 -7.81
CA ILE A 797 -7.48 -10.58 -8.65
C ILE A 797 -7.81 -9.31 -7.90
N ALA A 798 -9.00 -9.27 -7.32
CA ALA A 798 -9.49 -8.13 -6.57
C ALA A 798 -8.57 -7.76 -5.41
N GLN A 799 -8.10 -8.77 -4.70
CA GLN A 799 -7.20 -8.58 -3.58
C GLN A 799 -5.87 -7.95 -4.01
N GLU A 800 -5.33 -8.40 -5.13
CA GLU A 800 -4.05 -7.85 -5.59
C GLU A 800 -4.19 -6.44 -6.15
N LEU A 801 -5.40 -6.09 -6.55
CA LEU A 801 -5.69 -4.77 -7.08
C LEU A 801 -5.73 -3.84 -5.85
N PHE A 802 -6.31 -4.34 -4.76
CA PHE A 802 -6.41 -3.58 -3.53
C PHE A 802 -5.02 -3.40 -2.88
N GLU A 803 -4.21 -4.47 -2.86
CA GLU A 803 -2.87 -4.37 -2.27
C GLU A 803 -2.01 -3.30 -2.95
N ASN A 804 -2.21 -3.11 -4.26
CA ASN A 804 -1.41 -2.14 -5.01
C ASN A 804 -2.01 -0.73 -5.06
N GLY A 805 -3.08 -0.51 -4.29
CA GLY A 805 -3.71 0.79 -4.21
C GLY A 805 -4.65 1.24 -5.31
N LEU A 806 -5.09 0.32 -6.15
CA LEU A 806 -5.98 0.65 -7.25
C LEU A 806 -7.50 0.62 -6.96
N ILE A 807 -7.92 -0.09 -5.92
CA ILE A 807 -9.34 -0.14 -5.58
C ILE A 807 -9.54 -0.19 -4.09
N THR A 808 -10.80 -0.05 -3.68
CA THR A 808 -11.16 -0.13 -2.27
C THR A 808 -11.27 -1.61 -1.88
N TYR A 809 -11.36 -1.85 -0.58
CA TYR A 809 -11.46 -3.20 -0.07
C TYR A 809 -12.48 -4.04 -0.85
N HIS A 810 -12.04 -5.21 -1.28
CA HIS A 810 -12.82 -6.15 -2.08
C HIS A 810 -13.82 -7.06 -1.33
N ARG A 811 -13.74 -7.12 0.00
CA ARG A 811 -14.69 -7.95 0.75
C ARG A 811 -15.66 -7.04 1.49
N THR A 812 -16.65 -6.58 0.76
CA THR A 812 -17.64 -5.64 1.27
C THR A 812 -19.08 -5.99 0.82
N ASP A 813 -20.03 -5.70 1.70
CA ASP A 813 -21.45 -5.93 1.43
C ASP A 813 -22.18 -4.61 1.23
N SER A 814 -21.45 -3.50 1.23
CA SER A 814 -22.06 -2.19 1.11
C SER A 814 -21.91 -1.54 -0.26
N THR A 815 -22.90 -0.73 -0.64
CA THR A 815 -22.86 -0.02 -1.92
C THR A 815 -22.58 1.47 -1.66
N ARG A 816 -22.41 1.80 -0.38
CA ARG A 816 -22.15 3.16 0.04
C ARG A 816 -20.95 3.76 -0.68
N VAL A 817 -21.10 5.03 -1.02
CA VAL A 817 -20.04 5.76 -1.70
C VAL A 817 -19.76 6.97 -0.85
N SER A 818 -18.52 7.08 -0.36
CA SER A 818 -18.13 8.23 0.48
C SER A 818 -17.97 9.45 -0.41
N ASP A 819 -17.94 10.63 0.21
CA ASP A 819 -17.80 11.85 -0.58
C ASP A 819 -16.45 11.92 -1.29
N VAL A 820 -15.48 11.12 -0.83
CA VAL A 820 -14.19 11.07 -1.50
C VAL A 820 -14.45 10.33 -2.81
N GLY A 821 -15.17 9.22 -2.71
CA GLY A 821 -15.51 8.45 -3.90
C GLY A 821 -16.42 9.26 -4.80
N GLN A 822 -17.25 10.10 -4.21
CA GLN A 822 -18.13 10.93 -5.02
C GLN A 822 -17.31 11.99 -5.75
N ARG A 823 -16.28 12.51 -5.09
CA ARG A 823 -15.45 13.53 -5.71
C ARG A 823 -14.56 12.93 -6.80
N ILE A 824 -14.22 11.65 -6.65
CA ILE A 824 -13.44 10.97 -7.67
C ILE A 824 -14.30 10.87 -8.94
N ALA A 825 -15.58 10.54 -8.76
CA ALA A 825 -16.51 10.42 -9.87
C ALA A 825 -16.73 11.77 -10.54
N LYS A 826 -16.94 12.81 -9.73
CA LYS A 826 -17.14 14.14 -10.28
C LYS A 826 -15.93 14.56 -11.11
N GLU A 827 -14.73 14.23 -10.63
CA GLU A 827 -13.50 14.56 -11.35
C GLU A 827 -13.49 13.89 -12.72
N TYR A 828 -14.16 12.75 -12.85
CA TYR A 828 -14.19 12.05 -14.12
C TYR A 828 -15.43 12.33 -14.98
N LEU A 829 -16.58 12.48 -14.34
CA LEU A 829 -17.84 12.72 -15.06
C LEU A 829 -18.11 14.16 -15.49
N GLY A 830 -17.74 15.12 -14.64
CA GLY A 830 -17.93 16.54 -14.93
C GLY A 830 -19.11 16.88 -15.81
N ASP A 831 -20.23 17.23 -15.18
CA ASP A 831 -21.49 17.59 -15.85
C ASP A 831 -22.37 16.36 -15.97
N ASP A 832 -21.79 15.25 -16.41
CA ASP A 832 -22.56 14.02 -16.51
C ASP A 832 -22.60 13.41 -15.12
N PHE A 833 -22.07 14.17 -14.16
CA PHE A 833 -22.01 13.72 -12.77
C PHE A 833 -23.31 13.93 -12.02
N VAL A 834 -23.56 13.07 -11.05
CA VAL A 834 -24.76 13.12 -10.22
C VAL A 834 -24.53 12.39 -8.90
N GLY A 835 -24.26 13.15 -7.85
CA GLY A 835 -24.03 12.59 -6.52
C GLY A 835 -24.31 11.13 -6.24
N ARG A 836 -25.35 10.86 -5.45
CA ARG A 836 -25.74 9.48 -5.08
C ARG A 836 -24.78 8.66 -4.19
N GLU A 837 -25.14 8.59 -2.91
CA GLU A 837 -24.40 7.89 -1.88
C GLU A 837 -24.69 6.38 -1.77
N TRP A 838 -25.84 5.94 -2.29
CA TRP A 838 -26.26 4.53 -2.27
C TRP A 838 -26.14 3.87 -0.90
N GLY A 839 -26.41 4.63 0.15
CA GLY A 839 -26.29 4.10 1.50
C GLY A 839 -26.40 5.22 2.52
N GLU A 840 -26.76 4.86 3.75
CA GLU A 840 -26.95 5.86 4.80
C GLU A 840 -26.17 5.50 6.06
N SER A 841 -25.36 4.45 6.00
CA SER A 841 -24.57 4.06 7.16
C SER A 841 -23.61 2.91 6.89
N GLY A 842 -22.94 2.47 7.95
CA GLY A 842 -21.99 1.38 7.85
C GLY A 842 -20.58 1.87 7.58
N ALA A 843 -19.60 1.25 8.21
CA ALA A 843 -18.22 1.65 8.01
C ALA A 843 -17.75 1.21 6.62
N HIS A 844 -18.39 0.19 6.05
CA HIS A 844 -18.00 -0.30 4.74
C HIS A 844 -18.47 0.49 3.52
N GLU A 845 -17.63 0.45 2.50
CA GLU A 845 -17.87 1.14 1.25
C GLU A 845 -17.92 0.16 0.08
N CYS A 846 -18.39 0.65 -1.07
CA CYS A 846 -18.47 -0.16 -2.25
C CYS A 846 -17.06 -0.43 -2.76
N ILE A 847 -16.96 -1.20 -3.83
CA ILE A 847 -15.67 -1.51 -4.45
C ILE A 847 -15.57 -0.51 -5.61
N ARG A 848 -14.70 0.47 -5.45
CA ARG A 848 -14.57 1.50 -6.47
C ARG A 848 -13.11 1.89 -6.73
N PRO A 849 -12.86 2.56 -7.86
CA PRO A 849 -11.49 2.97 -8.19
C PRO A 849 -10.97 3.96 -7.15
N THR A 850 -9.68 3.90 -6.86
CA THR A 850 -9.08 4.84 -5.93
C THR A 850 -8.85 6.17 -6.66
N ARG A 851 -8.65 6.09 -7.97
CA ARG A 851 -8.37 7.27 -8.77
C ARG A 851 -9.20 7.32 -10.07
N PRO A 852 -9.46 8.53 -10.59
CA PRO A 852 -10.24 8.68 -11.83
C PRO A 852 -9.43 8.33 -13.07
N LEU A 853 -8.90 7.12 -13.12
CA LEU A 853 -8.13 6.71 -14.28
C LEU A 853 -8.78 5.45 -14.88
N THR A 854 -9.08 5.51 -16.16
CA THR A 854 -9.70 4.37 -16.82
C THR A 854 -8.69 3.22 -16.90
N ARG A 855 -9.07 2.15 -17.59
CA ARG A 855 -8.17 1.02 -17.71
C ARG A 855 -6.97 1.46 -18.55
N ASP A 856 -7.25 2.05 -19.71
CA ASP A 856 -6.17 2.52 -20.57
C ASP A 856 -5.20 3.42 -19.81
N ASP A 857 -5.74 4.37 -19.05
CA ASP A 857 -4.89 5.28 -18.27
C ASP A 857 -3.95 4.51 -17.34
N VAL A 858 -4.52 3.56 -16.61
CA VAL A 858 -3.72 2.80 -15.68
C VAL A 858 -2.58 2.04 -16.33
N GLN A 859 -2.83 1.40 -17.47
CA GLN A 859 -1.77 0.65 -18.14
C GLN A 859 -0.71 1.58 -18.73
N ARG A 860 -1.15 2.77 -19.15
CA ARG A 860 -0.26 3.77 -19.74
C ARG A 860 0.76 4.28 -18.71
N LEU A 861 0.24 4.74 -17.57
CA LEU A 861 1.07 5.26 -16.48
C LEU A 861 2.09 4.22 -16.00
N ILE A 862 1.65 2.98 -15.83
CA ILE A 862 2.54 1.92 -15.37
C ILE A 862 3.68 1.73 -16.37
N GLN A 863 3.39 1.89 -17.65
CA GLN A 863 4.40 1.75 -18.69
C GLN A 863 5.30 2.98 -18.71
N GLU A 864 4.80 4.11 -18.22
CA GLU A 864 5.61 5.31 -18.21
C GLU A 864 6.60 5.31 -17.05
N GLY A 865 6.26 4.58 -16.00
CA GLY A 865 7.12 4.50 -14.82
C GLY A 865 6.55 5.30 -13.66
N VAL A 866 5.45 6.00 -13.92
CA VAL A 866 4.77 6.83 -12.92
C VAL A 866 4.01 6.08 -11.82
N LEU A 867 3.26 5.04 -12.19
CA LEU A 867 2.51 4.25 -11.21
C LEU A 867 3.33 3.02 -10.85
N VAL A 868 3.58 2.83 -9.58
CA VAL A 868 4.37 1.68 -9.14
C VAL A 868 3.46 0.60 -8.58
N VAL A 869 3.46 -0.57 -9.23
CA VAL A 869 2.64 -1.68 -8.79
C VAL A 869 3.36 -3.01 -8.95
N GLU A 870 2.91 -4.02 -8.22
CA GLU A 870 3.53 -5.34 -8.28
C GLU A 870 2.63 -6.42 -8.90
N GLY A 871 3.24 -7.27 -9.73
CA GLY A 871 2.55 -8.37 -10.39
C GLY A 871 1.15 -8.19 -10.95
N LEU A 872 0.94 -7.20 -11.81
CA LEU A 872 -0.39 -7.00 -12.38
C LEU A 872 -0.38 -7.40 -13.85
N ARG A 873 -1.38 -8.20 -14.24
CA ARG A 873 -1.52 -8.69 -15.61
C ARG A 873 -2.85 -8.24 -16.19
N TRP A 874 -3.15 -8.75 -17.38
CA TRP A 874 -4.39 -8.42 -18.08
C TRP A 874 -5.64 -8.78 -17.28
N GLU A 875 -5.61 -9.89 -16.56
CA GLU A 875 -6.78 -10.30 -15.78
C GLU A 875 -7.11 -9.15 -14.84
N HIS A 876 -6.08 -8.54 -14.27
CA HIS A 876 -6.22 -7.45 -13.33
C HIS A 876 -6.81 -6.18 -13.92
N PHE A 877 -6.37 -5.84 -15.13
CA PHE A 877 -6.83 -4.65 -15.82
C PHE A 877 -8.24 -4.84 -16.40
N ALA A 878 -8.61 -6.08 -16.63
CA ALA A 878 -9.94 -6.37 -17.18
C ALA A 878 -10.94 -6.24 -16.05
N LEU A 879 -10.61 -6.78 -14.88
CA LEU A 879 -11.49 -6.71 -13.74
C LEU A 879 -11.65 -5.27 -13.28
N TYR A 880 -10.58 -4.51 -13.45
CA TYR A 880 -10.54 -3.11 -13.07
C TYR A 880 -11.38 -2.27 -14.03
N ASP A 881 -11.39 -2.65 -15.30
CA ASP A 881 -12.18 -1.94 -16.30
C ASP A 881 -13.62 -2.02 -15.83
N LEU A 882 -13.97 -3.20 -15.33
CA LEU A 882 -15.30 -3.49 -14.84
C LEU A 882 -15.68 -2.58 -13.68
N ILE A 883 -14.93 -2.72 -12.59
CA ILE A 883 -15.14 -1.96 -11.38
C ILE A 883 -15.28 -0.46 -11.65
N PHE A 884 -14.44 0.06 -12.54
CA PHE A 884 -14.44 1.46 -12.92
C PHE A 884 -15.72 1.85 -13.65
N ARG A 885 -16.15 1.02 -14.58
CA ARG A 885 -17.37 1.30 -15.32
C ARG A 885 -18.62 1.24 -14.42
N ARG A 886 -18.76 0.19 -13.62
CA ARG A 886 -19.90 0.07 -12.72
C ARG A 886 -19.99 1.25 -11.77
N PHE A 887 -18.84 1.63 -11.21
CA PHE A 887 -18.80 2.74 -10.28
C PHE A 887 -19.08 4.12 -10.92
N MET A 888 -18.47 4.43 -12.06
CA MET A 888 -18.71 5.72 -12.69
C MET A 888 -20.17 5.79 -13.08
N ALA A 889 -20.65 4.71 -13.67
CA ALA A 889 -22.03 4.63 -14.11
C ALA A 889 -23.01 4.91 -12.98
N SER A 890 -22.69 4.48 -11.76
CA SER A 890 -23.61 4.69 -10.64
C SER A 890 -23.59 6.13 -10.15
N GLN A 891 -22.68 6.92 -10.72
CA GLN A 891 -22.52 8.32 -10.33
C GLN A 891 -22.84 9.28 -11.48
N CYS A 892 -23.27 8.70 -12.59
CA CYS A 892 -23.58 9.46 -13.79
C CYS A 892 -25.07 9.83 -13.77
N ARG A 893 -25.51 10.59 -14.77
CA ARG A 893 -26.90 11.00 -14.83
C ARG A 893 -27.76 9.85 -15.36
N PRO A 894 -29.05 9.84 -15.00
CA PRO A 894 -29.96 8.78 -15.43
C PRO A 894 -29.99 8.65 -16.96
N PHE A 895 -30.08 7.43 -17.47
CA PHE A 895 -30.14 7.24 -18.91
C PHE A 895 -31.58 7.00 -19.34
N LYS A 896 -31.82 7.06 -20.65
CA LYS A 896 -33.16 6.86 -21.19
C LYS A 896 -33.21 5.59 -22.00
N VAL A 897 -34.38 4.95 -22.01
CA VAL A 897 -34.54 3.71 -22.74
C VAL A 897 -35.91 3.72 -23.42
N VAL A 898 -35.99 3.12 -24.60
CA VAL A 898 -37.27 3.06 -25.30
C VAL A 898 -37.87 1.67 -25.15
N VAL A 899 -38.98 1.58 -24.45
CA VAL A 899 -39.65 0.30 -24.23
C VAL A 899 -40.86 0.12 -25.14
N LYS A 900 -40.81 -0.90 -25.99
CA LYS A 900 -41.89 -1.19 -26.92
C LYS A 900 -42.42 -2.59 -26.71
N LYS A 901 -43.63 -2.70 -26.17
CA LYS A 901 -44.21 -4.02 -25.96
C LYS A 901 -45.07 -4.40 -27.15
N TYR A 902 -44.93 -5.64 -27.60
CA TYR A 902 -45.69 -6.13 -28.73
C TYR A 902 -46.68 -7.21 -28.33
N SER A 903 -47.63 -7.46 -29.21
CA SER A 903 -48.66 -8.48 -29.01
C SER A 903 -48.57 -9.35 -30.25
N ILE A 904 -48.40 -10.66 -30.06
CA ILE A 904 -48.27 -11.58 -31.20
C ILE A 904 -49.32 -12.70 -31.29
N GLU A 905 -49.80 -12.92 -32.50
CA GLU A 905 -50.79 -13.95 -32.76
C GLU A 905 -50.14 -15.03 -33.63
N PHE A 906 -50.16 -16.27 -33.15
CA PHE A 906 -49.57 -17.37 -33.89
C PHE A 906 -50.29 -18.68 -33.55
N ASP A 907 -50.75 -19.39 -34.58
CA ASP A 907 -51.41 -20.67 -34.40
C ASP A 907 -52.44 -20.72 -33.27
N GLY A 908 -53.29 -19.71 -33.18
CA GLY A 908 -54.30 -19.67 -32.14
C GLY A 908 -53.88 -18.98 -30.85
N LYS A 909 -52.65 -19.22 -30.42
CA LYS A 909 -52.15 -18.60 -29.20
C LYS A 909 -51.66 -17.17 -29.44
N THR A 910 -51.92 -16.29 -28.48
CA THR A 910 -51.49 -14.90 -28.54
C THR A 910 -50.47 -14.74 -27.42
N ALA A 911 -49.70 -13.66 -27.45
CA ALA A 911 -48.70 -13.45 -26.40
C ALA A 911 -48.18 -12.02 -26.44
N GLU A 912 -47.80 -11.52 -25.26
CA GLU A 912 -47.28 -10.16 -25.13
C GLU A 912 -45.85 -10.16 -24.62
N GLU A 913 -45.09 -9.15 -25.01
CA GLU A 913 -43.69 -9.06 -24.60
C GLU A 913 -43.10 -7.66 -24.75
N GLU A 914 -42.67 -7.06 -23.64
CA GLU A 914 -42.04 -5.73 -23.67
C GLU A 914 -40.58 -5.97 -24.05
N ARG A 915 -39.93 -4.95 -24.57
CA ARG A 915 -38.53 -5.07 -24.93
C ARG A 915 -37.85 -3.76 -25.25
N ILE A 916 -36.87 -3.42 -24.42
CA ILE A 916 -36.09 -2.22 -24.59
C ILE A 916 -35.56 -2.19 -26.01
N VAL A 917 -36.12 -1.28 -26.78
CA VAL A 917 -35.78 -1.10 -28.19
C VAL A 917 -34.60 -0.16 -28.39
N ARG A 918 -34.35 0.71 -27.42
CA ARG A 918 -33.25 1.65 -27.53
C ARG A 918 -32.81 2.21 -26.18
N ALA A 919 -31.53 2.54 -26.08
CA ALA A 919 -30.95 3.10 -24.85
C ALA A 919 -30.03 4.23 -25.25
N GLU A 920 -29.96 5.25 -24.41
CA GLU A 920 -29.12 6.39 -24.70
C GLU A 920 -28.63 6.98 -23.38
N GLY A 921 -27.35 7.32 -23.33
CA GLY A 921 -26.81 7.90 -22.11
C GLY A 921 -25.34 7.62 -21.86
N ARG A 922 -24.70 8.51 -21.10
CA ARG A 922 -23.30 8.38 -20.74
C ARG A 922 -23.13 7.11 -19.92
N ALA A 923 -24.07 6.91 -19.00
CA ALA A 923 -24.08 5.74 -18.12
C ALA A 923 -24.16 4.44 -18.93
N TYR A 924 -25.06 4.39 -19.90
CA TYR A 924 -25.22 3.19 -20.72
C TYR A 924 -23.97 2.99 -21.55
N GLU A 925 -23.33 4.09 -21.91
CA GLU A 925 -22.11 4.06 -22.69
C GLU A 925 -21.00 3.43 -21.83
N LEU A 926 -20.95 3.81 -20.55
CA LEU A 926 -19.95 3.30 -19.63
C LEU A 926 -20.24 1.85 -19.19
N TYR A 927 -21.51 1.53 -18.99
CA TYR A 927 -21.85 0.20 -18.53
C TYR A 927 -23.21 -0.27 -19.06
N ARG A 928 -23.19 -1.33 -19.86
CA ARG A 928 -24.42 -1.88 -20.44
C ARG A 928 -25.34 -2.51 -19.39
N ALA A 929 -26.20 -1.68 -18.80
CA ALA A 929 -27.11 -2.13 -17.75
C ALA A 929 -28.39 -2.85 -18.23
N VAL A 930 -28.68 -2.74 -19.52
CA VAL A 930 -29.88 -3.37 -20.07
C VAL A 930 -29.64 -3.98 -21.44
N TRP A 931 -30.43 -5.01 -21.74
CA TRP A 931 -30.34 -5.73 -23.00
C TRP A 931 -31.23 -5.03 -24.04
N VAL A 932 -30.65 -4.72 -25.20
CA VAL A 932 -31.41 -4.05 -26.23
C VAL A 932 -31.77 -5.02 -27.32
N LYS A 933 -33.06 -5.21 -27.51
CA LYS A 933 -33.55 -6.13 -28.52
C LYS A 933 -33.97 -5.32 -29.73
N ASN A 934 -34.24 -6.03 -30.84
CA ASN A 934 -34.68 -5.38 -32.06
C ASN A 934 -36.17 -5.14 -31.90
N GLU A 935 -36.74 -4.41 -32.85
CA GLU A 935 -38.16 -4.16 -32.83
C GLU A 935 -38.76 -5.34 -33.58
N LEU A 936 -40.07 -5.36 -33.72
CA LEU A 936 -40.70 -6.45 -34.43
C LEU A 936 -41.57 -5.91 -35.55
N PRO A 937 -41.34 -6.39 -36.78
CA PRO A 937 -42.12 -5.95 -37.94
C PRO A 937 -43.60 -6.14 -37.64
N THR A 938 -44.39 -5.07 -37.77
CA THR A 938 -45.82 -5.14 -37.51
C THR A 938 -46.56 -5.73 -38.72
N GLY A 939 -47.53 -6.59 -38.44
CA GLY A 939 -48.31 -7.22 -39.51
C GLY A 939 -48.25 -8.75 -39.45
N THR A 940 -48.81 -9.39 -40.47
CA THR A 940 -48.82 -10.85 -40.53
C THR A 940 -47.92 -11.35 -41.66
N PHE A 941 -47.10 -12.36 -41.36
CA PHE A 941 -46.16 -12.91 -42.34
C PHE A 941 -46.13 -14.45 -42.37
N ARG A 942 -45.44 -14.98 -43.37
CA ARG A 942 -45.24 -16.42 -43.54
C ARG A 942 -43.84 -16.68 -43.03
N VAL A 943 -43.71 -17.26 -41.85
CA VAL A 943 -42.40 -17.49 -41.29
C VAL A 943 -41.97 -18.94 -41.04
N LYS A 944 -40.65 -19.12 -41.03
CA LYS A 944 -40.05 -20.43 -40.79
C LYS A 944 -39.35 -20.34 -39.43
N ALA A 945 -39.35 -21.45 -38.69
CA ALA A 945 -38.74 -21.49 -37.36
C ALA A 945 -37.95 -22.78 -37.15
N GLU A 946 -36.99 -22.75 -36.22
CA GLU A 946 -36.18 -23.92 -35.96
C GLU A 946 -36.86 -24.94 -35.04
N VAL A 947 -37.61 -24.48 -34.04
CA VAL A 947 -38.28 -25.39 -33.11
C VAL A 947 -37.26 -26.31 -32.44
N LYS A 948 -37.07 -26.15 -31.14
CA LYS A 948 -36.08 -26.94 -30.45
C LYS A 948 -36.49 -27.38 -29.06
N SER A 949 -36.42 -28.69 -28.83
CA SER A 949 -36.74 -29.23 -27.53
C SER A 949 -35.52 -28.87 -26.66
N VAL A 950 -35.60 -27.76 -25.96
CA VAL A 950 -34.49 -27.33 -25.11
C VAL A 950 -34.83 -27.42 -23.64
N PRO A 951 -33.80 -27.51 -22.77
CA PRO A 951 -34.02 -27.60 -21.33
C PRO A 951 -34.99 -26.60 -20.72
N LYS A 952 -35.82 -27.09 -19.81
CA LYS A 952 -36.81 -26.29 -19.10
C LYS A 952 -36.06 -25.16 -18.40
N VAL A 953 -35.01 -25.53 -17.66
CA VAL A 953 -34.17 -24.60 -16.92
C VAL A 953 -32.72 -24.99 -17.19
N LEU A 954 -31.79 -24.06 -16.97
CA LEU A 954 -30.39 -24.39 -17.19
C LEU A 954 -29.70 -24.58 -15.85
N PRO A 955 -28.61 -25.36 -15.82
CA PRO A 955 -27.91 -25.56 -14.56
C PRO A 955 -27.31 -24.22 -14.17
N PHE A 956 -26.92 -24.05 -12.92
CA PHE A 956 -26.35 -22.78 -12.48
C PHE A 956 -24.99 -22.48 -13.10
N THR A 957 -24.61 -21.20 -13.04
CA THR A 957 -23.31 -20.73 -13.47
C THR A 957 -22.80 -20.20 -12.13
N GLN A 958 -21.50 -20.01 -11.97
CA GLN A 958 -21.04 -19.51 -10.68
C GLN A 958 -21.67 -18.16 -10.35
N SER A 959 -21.97 -17.38 -11.39
CA SER A 959 -22.60 -16.08 -11.21
C SER A 959 -23.93 -16.20 -10.48
N GLU A 960 -24.85 -16.96 -11.07
CA GLU A 960 -26.17 -17.11 -10.48
C GLU A 960 -26.20 -17.80 -9.11
N ILE A 961 -25.22 -18.66 -8.84
CA ILE A 961 -25.19 -19.34 -7.55
C ILE A 961 -24.94 -18.29 -6.46
N ILE A 962 -24.16 -17.26 -6.79
CA ILE A 962 -23.87 -16.19 -5.83
C ILE A 962 -25.12 -15.38 -5.49
N GLN A 963 -25.85 -14.99 -6.53
CA GLN A 963 -27.05 -14.20 -6.32
C GLN A 963 -28.00 -14.97 -5.44
N MET A 964 -28.10 -16.27 -5.68
CA MET A 964 -29.00 -17.07 -4.88
C MET A 964 -28.55 -17.02 -3.42
N MET A 965 -27.26 -17.19 -3.18
CA MET A 965 -26.76 -17.12 -1.80
C MET A 965 -27.07 -15.77 -1.16
N LYS A 966 -26.91 -14.69 -1.90
CA LYS A 966 -27.20 -13.37 -1.35
C LYS A 966 -28.70 -13.26 -1.11
N GLU A 967 -29.47 -13.57 -2.16
CA GLU A 967 -30.92 -13.52 -2.07
C GLU A 967 -31.45 -14.32 -0.89
N ARG A 968 -30.96 -15.54 -0.73
CA ARG A 968 -31.41 -16.41 0.36
C ARG A 968 -30.75 -16.11 1.69
N GLY A 969 -29.79 -15.19 1.69
CA GLY A 969 -29.12 -14.81 2.92
C GLY A 969 -28.15 -15.82 3.48
N ILE A 970 -27.43 -16.51 2.60
CA ILE A 970 -26.44 -17.50 3.02
C ILE A 970 -25.05 -17.11 2.51
N GLY A 971 -24.09 -17.08 3.42
CA GLY A 971 -22.74 -16.71 3.05
C GLY A 971 -22.46 -15.23 3.27
N ARG A 972 -21.19 -14.86 3.31
CA ARG A 972 -20.76 -13.48 3.50
C ARG A 972 -19.76 -13.15 2.39
N PRO A 973 -19.25 -11.91 2.35
CA PRO A 973 -18.29 -11.58 1.29
C PRO A 973 -17.02 -12.42 1.34
N SER A 974 -16.50 -12.63 2.55
CA SER A 974 -15.29 -13.43 2.73
C SER A 974 -15.57 -14.93 2.68
N THR A 975 -16.82 -15.28 2.38
CA THR A 975 -17.24 -16.67 2.36
C THR A 975 -17.75 -17.22 1.03
N TYR A 976 -18.38 -16.38 0.23
CA TYR A 976 -18.94 -16.80 -1.06
C TYR A 976 -18.01 -17.71 -1.84
N ALA A 977 -16.86 -17.21 -2.24
CA ALA A 977 -15.91 -18.01 -3.01
C ALA A 977 -15.45 -19.30 -2.33
N THR A 978 -15.30 -19.28 -1.02
CA THR A 978 -14.86 -20.47 -0.30
C THR A 978 -15.89 -21.61 -0.42
N ILE A 979 -17.16 -21.30 -0.19
CA ILE A 979 -18.23 -22.29 -0.29
C ILE A 979 -18.28 -22.95 -1.66
N VAL A 980 -18.55 -22.17 -2.70
CA VAL A 980 -18.64 -22.72 -4.04
C VAL A 980 -17.34 -23.44 -4.46
N ASP A 981 -16.19 -22.82 -4.21
CA ASP A 981 -14.90 -23.40 -4.55
C ASP A 981 -14.70 -24.73 -3.89
N ARG A 982 -15.07 -24.83 -2.61
CA ARG A 982 -14.91 -26.07 -1.87
C ARG A 982 -15.67 -27.25 -2.52
N LEU A 983 -16.71 -26.97 -3.27
CA LEU A 983 -17.46 -28.03 -3.91
C LEU A 983 -16.66 -28.67 -5.04
N PHE A 984 -15.95 -27.84 -5.80
CA PHE A 984 -15.17 -28.38 -6.91
C PHE A 984 -14.01 -29.23 -6.43
N MET A 985 -13.13 -28.64 -5.63
CA MET A 985 -11.98 -29.38 -5.15
C MET A 985 -12.37 -30.71 -4.51
N ARG A 986 -13.62 -30.81 -4.06
CA ARG A 986 -14.11 -32.04 -3.45
C ARG A 986 -14.81 -32.93 -4.48
N ASN A 987 -14.69 -32.55 -5.75
CA ASN A 987 -15.31 -33.29 -6.83
C ASN A 987 -16.80 -33.54 -6.65
N TYR A 988 -17.44 -32.71 -5.84
CA TYR A 988 -18.89 -32.80 -5.59
C TYR A 988 -19.61 -32.14 -6.76
N VAL A 989 -18.87 -31.33 -7.50
CA VAL A 989 -19.42 -30.61 -8.64
C VAL A 989 -18.36 -30.36 -9.72
N VAL A 990 -18.80 -30.29 -10.96
CA VAL A 990 -17.92 -30.03 -12.07
C VAL A 990 -18.69 -29.06 -12.92
N GLU A 991 -17.98 -28.33 -13.76
CA GLU A 991 -18.61 -27.35 -14.61
C GLU A 991 -18.43 -27.78 -16.04
N LYS A 992 -19.50 -27.67 -16.80
CA LYS A 992 -19.47 -28.02 -18.21
C LYS A 992 -20.05 -26.84 -18.95
N TYR A 993 -19.23 -26.23 -19.81
CA TYR A 993 -19.66 -25.08 -20.58
C TYR A 993 -20.09 -23.90 -19.71
N GLY A 994 -19.46 -23.74 -18.55
CA GLY A 994 -19.81 -22.64 -17.66
C GLY A 994 -21.10 -22.87 -16.89
N ARG A 995 -21.46 -24.14 -16.71
CA ARG A 995 -22.68 -24.49 -15.98
C ARG A 995 -22.29 -25.51 -14.91
N MET A 996 -22.66 -25.21 -13.68
CA MET A 996 -22.34 -26.10 -12.56
C MET A 996 -23.25 -27.32 -12.54
N ILE A 997 -22.65 -28.48 -12.78
CA ILE A 997 -23.41 -29.73 -12.77
C ILE A 997 -22.88 -30.63 -11.66
N PRO A 998 -23.77 -31.31 -10.92
CA PRO A 998 -23.31 -32.19 -9.85
C PRO A 998 -22.67 -33.48 -10.34
N THR A 999 -21.80 -34.04 -9.52
CA THR A 999 -21.15 -35.30 -9.85
C THR A 999 -21.95 -36.38 -9.13
N LYS A 1000 -21.69 -37.64 -9.47
CA LYS A 1000 -22.40 -38.74 -8.82
C LYS A 1000 -22.05 -38.72 -7.33
N LEU A 1001 -20.77 -38.53 -7.03
CA LEU A 1001 -20.34 -38.50 -5.62
C LEU A 1001 -21.03 -37.35 -4.90
N GLY A 1002 -21.18 -36.22 -5.58
CA GLY A 1002 -21.84 -35.08 -4.96
C GLY A 1002 -23.27 -35.38 -4.56
N ILE A 1003 -24.07 -35.85 -5.52
CA ILE A 1003 -25.47 -36.15 -5.25
C ILE A 1003 -25.72 -37.18 -4.14
N ASP A 1004 -24.84 -38.17 -4.00
CA ASP A 1004 -25.07 -39.16 -2.95
C ASP A 1004 -24.64 -38.62 -1.61
N VAL A 1005 -23.62 -37.76 -1.60
CA VAL A 1005 -23.17 -37.17 -0.36
C VAL A 1005 -24.33 -36.33 0.15
N PHE A 1006 -24.80 -35.42 -0.68
CA PHE A 1006 -25.93 -34.59 -0.30
C PHE A 1006 -27.10 -35.47 0.16
N ARG A 1007 -27.45 -36.46 -0.66
CA ARG A 1007 -28.55 -37.36 -0.33
C ARG A 1007 -28.30 -37.99 1.03
N PHE A 1008 -27.08 -38.44 1.26
CA PHE A 1008 -26.77 -39.02 2.55
C PHE A 1008 -26.98 -37.98 3.64
N LEU A 1009 -26.35 -36.82 3.48
CA LEU A 1009 -26.45 -35.77 4.48
C LEU A 1009 -27.86 -35.26 4.76
N VAL A 1010 -28.62 -34.94 3.72
CA VAL A 1010 -29.98 -34.45 3.95
C VAL A 1010 -30.93 -35.57 4.41
N ARG A 1011 -30.41 -36.79 4.43
CA ARG A 1011 -31.22 -37.93 4.86
C ARG A 1011 -30.91 -38.36 6.29
N ARG A 1012 -29.63 -38.65 6.59
CA ARG A 1012 -29.24 -39.06 7.93
C ARG A 1012 -29.25 -37.86 8.89
N TYR A 1013 -30.42 -37.22 8.95
CA TYR A 1013 -30.67 -36.04 9.78
C TYR A 1013 -30.13 -34.76 9.15
N ALA A 1014 -31.06 -33.95 8.66
CA ALA A 1014 -30.74 -32.70 7.99
C ALA A 1014 -31.43 -31.52 8.65
N LYS A 1015 -31.66 -31.60 9.96
CA LYS A 1015 -32.31 -30.51 10.68
C LYS A 1015 -31.29 -29.38 10.82
N PHE A 1016 -30.03 -29.77 11.03
CA PHE A 1016 -28.94 -28.83 11.18
C PHE A 1016 -28.20 -28.59 9.87
N VAL A 1017 -28.96 -28.48 8.78
CA VAL A 1017 -28.40 -28.25 7.46
C VAL A 1017 -29.50 -27.64 6.60
N SER A 1018 -30.56 -27.18 7.26
CA SER A 1018 -31.68 -26.57 6.55
C SER A 1018 -31.42 -25.10 6.31
N GLU A 1019 -31.85 -24.60 5.15
CA GLU A 1019 -31.69 -23.20 4.81
C GLU A 1019 -32.29 -22.36 5.93
N ASP A 1020 -33.01 -23.02 6.81
CA ASP A 1020 -33.64 -22.35 7.93
C ASP A 1020 -32.60 -22.10 9.02
N ARG A 1021 -31.92 -23.16 9.43
CA ARG A 1021 -30.90 -23.05 10.47
C ARG A 1021 -29.64 -22.36 9.96
N THR A 1022 -29.18 -22.77 8.78
CA THR A 1022 -27.99 -22.17 8.20
C THR A 1022 -28.15 -20.66 8.04
N ARG A 1023 -29.36 -20.22 7.74
CA ARG A 1023 -29.62 -18.80 7.58
C ARG A 1023 -29.60 -18.15 8.95
N ASP A 1024 -30.28 -18.79 9.90
CA ASP A 1024 -30.36 -18.27 11.25
C ASP A 1024 -28.97 -18.05 11.85
N LEU A 1025 -28.11 -19.05 11.71
CA LEU A 1025 -26.76 -18.98 12.24
C LEU A 1025 -25.97 -17.84 11.63
N GLU A 1026 -26.19 -17.60 10.35
CA GLU A 1026 -25.49 -16.55 9.63
C GLU A 1026 -25.84 -15.22 10.27
N SER A 1027 -27.10 -15.09 10.67
CA SER A 1027 -27.59 -13.85 11.29
C SER A 1027 -27.16 -13.81 12.75
N ARG A 1028 -26.95 -14.98 13.32
CA ARG A 1028 -26.55 -15.07 14.71
C ARG A 1028 -25.13 -14.55 14.89
N MET A 1029 -24.27 -14.85 13.93
CA MET A 1029 -22.89 -14.41 14.01
C MET A 1029 -22.78 -12.95 13.61
N ASP A 1030 -23.88 -12.39 13.14
CA ASP A 1030 -23.92 -10.98 12.75
C ASP A 1030 -24.33 -10.16 13.96
N ALA A 1031 -25.13 -10.76 14.83
CA ALA A 1031 -25.59 -10.09 16.03
C ALA A 1031 -24.38 -9.94 16.95
N ILE A 1032 -23.60 -11.02 17.05
CA ILE A 1032 -22.43 -11.02 17.90
C ILE A 1032 -21.55 -9.83 17.47
N GLU A 1033 -21.35 -9.68 16.17
CA GLU A 1033 -20.55 -8.60 15.61
C GLU A 1033 -21.04 -7.24 16.07
N ARG A 1034 -22.35 -7.14 16.29
CA ARG A 1034 -22.98 -5.91 16.74
C ARG A 1034 -22.87 -5.72 18.24
N GLY A 1035 -22.48 -6.78 18.94
CA GLY A 1035 -22.37 -6.69 20.38
C GLY A 1035 -23.70 -7.06 20.99
N GLU A 1036 -24.61 -7.55 20.14
CA GLU A 1036 -25.93 -7.94 20.58
C GLU A 1036 -25.95 -9.33 21.22
N LEU A 1037 -25.89 -10.38 20.42
CA LEU A 1037 -25.93 -11.75 20.96
C LEU A 1037 -24.67 -12.13 21.75
N ASP A 1038 -24.87 -12.57 23.00
CA ASP A 1038 -23.75 -12.96 23.85
C ASP A 1038 -22.89 -13.98 23.10
N TYR A 1039 -21.59 -13.77 23.09
CA TYR A 1039 -20.69 -14.66 22.36
C TYR A 1039 -20.59 -16.04 22.99
N LEU A 1040 -20.78 -16.15 24.29
CA LEU A 1040 -20.70 -17.44 24.94
C LEU A 1040 -21.95 -18.29 24.66
N LYS A 1041 -23.13 -17.69 24.81
CA LYS A 1041 -24.36 -18.43 24.56
C LYS A 1041 -24.32 -19.01 23.16
N ALA A 1042 -23.55 -18.37 22.29
CA ALA A 1042 -23.40 -18.84 20.92
C ALA A 1042 -22.72 -20.20 20.90
N LEU A 1043 -21.54 -20.29 21.51
CA LEU A 1043 -20.80 -21.55 21.57
C LEU A 1043 -21.56 -22.58 22.39
N GLU A 1044 -22.09 -22.14 23.52
CA GLU A 1044 -22.88 -22.98 24.42
C GLU A 1044 -23.90 -23.69 23.55
N ASP A 1045 -24.66 -22.90 22.79
CA ASP A 1045 -25.68 -23.42 21.90
C ASP A 1045 -25.07 -24.35 20.88
N MET A 1046 -24.09 -23.83 20.15
CA MET A 1046 -23.37 -24.57 19.10
C MET A 1046 -22.79 -25.89 19.59
N TYR A 1047 -22.48 -25.97 20.88
CA TYR A 1047 -21.93 -27.19 21.47
C TYR A 1047 -23.08 -28.18 21.64
N ALA A 1048 -24.27 -27.65 21.88
CA ALA A 1048 -25.47 -28.44 22.07
C ALA A 1048 -25.87 -29.24 20.83
N GLU A 1049 -26.18 -28.55 19.73
CA GLU A 1049 -26.60 -29.24 18.52
C GLU A 1049 -25.54 -30.21 18.00
N ILE A 1050 -24.34 -30.12 18.55
CA ILE A 1050 -23.27 -31.02 18.14
C ILE A 1050 -23.53 -32.35 18.84
N LYS A 1051 -24.04 -32.26 20.07
CA LYS A 1051 -24.36 -33.43 20.86
C LYS A 1051 -25.47 -34.25 20.21
N SER A 1052 -26.28 -33.60 19.37
CA SER A 1052 -27.37 -34.28 18.67
C SER A 1052 -26.84 -35.24 17.62
N ILE A 1053 -25.53 -35.47 17.67
CA ILE A 1053 -24.84 -36.35 16.74
C ILE A 1053 -23.44 -36.67 17.30
N ASP A 1054 -22.47 -36.70 16.39
CA ASP A 1054 -21.06 -36.98 16.73
C ASP A 1054 -20.89 -38.38 17.34
#